data_4IMM
#
_entry.id   4IMM
#
_cell.length_a   65.300
_cell.length_b   78.620
_cell.length_c   70.990
_cell.angle_alpha   90.00
_cell.angle_beta   92.11
_cell.angle_gamma   90.00
#
_symmetry.space_group_name_H-M   'P 1 21 1'
#
loop_
_entity.id
_entity.type
_entity.pdbx_description
1 polymer 'Outer membrane assembly lipoprotein YfgL'
2 non-polymer 'SODIUM ION'
3 non-polymer 'CALCIUM ION'
4 non-polymer 'MAGNESIUM ION'
5 water water
#
_entity_poly.entity_id   1
_entity_poly.type   'polypeptide(L)'
_entity_poly.pdbx_seq_one_letter_code
;MYQRFINTALVAALAVTMAGCGTKAIKPTERKPAKLVNIQTPVAVLTQVSSIRLDQGRSGFSRRNTNLRKDVIDLQIAPL
ADGMIAASRSGIVSGYMGESIAWQYNAEDVITGGVGIDDQGSVAVIGTRSGKLIALDARTGAARWVVELASSSLAPALIS
GDKVIVITNSGTIFGLDINSGATVWQYATQVPNTSVRGMAKPLALDARTVLIGGADGRIHALDTMTGAPVWTRRVGLAMG
SGEIDQLRDIDGTPTVVDHYLYAASYSGQLAGFDMTTGRTMFVSELSSTKKLTTLADAVIGSSTDGDVVAFNRMTGEKLW
ENHDLKYRGLTNPVTIGTYIAVGDADGVVHILNHQGQIISRANTKGALTNLTVINNRLYAQSADGVVTVWQFKHHHHHH
;
_entity_poly.pdbx_strand_id   A,B
#
# COMPACT_ATOMS: atom_id res chain seq x y z
N VAL A 45 27.89 -15.73 -11.53
CA VAL A 45 26.83 -14.74 -11.34
C VAL A 45 26.05 -14.99 -10.06
N LEU A 46 25.79 -16.28 -9.78
CA LEU A 46 25.06 -16.68 -8.59
C LEU A 46 25.94 -17.48 -7.63
N THR A 47 25.82 -17.20 -6.35
CA THR A 47 26.41 -18.06 -5.32
C THR A 47 25.28 -18.65 -4.48
N GLN A 48 25.28 -19.97 -4.35
CA GLN A 48 24.32 -20.64 -3.47
C GLN A 48 24.43 -20.08 -2.03
N VAL A 49 23.27 -19.88 -1.41
CA VAL A 49 23.19 -19.31 -0.08
C VAL A 49 22.44 -20.28 0.83
N SER A 50 21.58 -21.09 0.23
CA SER A 50 20.79 -22.04 0.99
C SER A 50 20.24 -23.18 0.14
N SER A 51 20.09 -24.35 0.76
CA SER A 51 19.46 -25.47 0.09
C SER A 51 18.72 -26.29 1.12
N ILE A 52 17.40 -26.10 1.17
CA ILE A 52 16.55 -26.59 2.24
C ILE A 52 15.54 -27.60 1.73
N ARG A 53 15.43 -28.73 2.42
CA ARG A 53 14.43 -29.73 2.10
C ARG A 53 13.18 -29.46 2.94
N LEU A 54 12.04 -29.31 2.28
CA LEU A 54 10.80 -29.00 2.97
C LEU A 54 10.25 -30.27 3.60
N ASP A 55 9.80 -30.18 4.85
CA ASP A 55 9.16 -31.32 5.48
C ASP A 55 7.89 -31.70 4.72
N GLN A 56 7.60 -32.99 4.66
CA GLN A 56 6.41 -33.47 3.99
C GLN A 56 5.48 -34.15 4.98
N ASP A 74 2.76 -25.85 -8.76
CA ASP A 74 3.44 -24.58 -9.00
C ASP A 74 3.41 -23.65 -7.77
N LEU A 75 3.92 -24.14 -6.64
CA LEU A 75 3.93 -23.37 -5.40
C LEU A 75 5.14 -22.43 -5.36
N GLN A 76 4.93 -21.23 -4.84
CA GLN A 76 5.96 -20.21 -4.78
C GLN A 76 6.35 -19.89 -3.32
N ILE A 77 7.63 -19.63 -3.12
CA ILE A 77 8.16 -19.18 -1.84
C ILE A 77 7.65 -17.76 -1.55
N ALA A 78 7.40 -17.47 -0.28
CA ALA A 78 7.05 -16.11 0.14
C ALA A 78 8.19 -15.58 1.02
N PRO A 79 9.14 -14.84 0.42
CA PRO A 79 10.32 -14.37 1.16
C PRO A 79 9.96 -13.35 2.23
N LEU A 80 10.64 -13.41 3.36
CA LEU A 80 10.45 -12.44 4.44
C LEU A 80 11.76 -11.71 4.69
N ALA A 81 11.71 -10.62 5.45
CA ALA A 81 12.88 -9.79 5.64
C ALA A 81 14.03 -10.57 6.30
N ASP A 82 13.68 -11.52 7.17
CA ASP A 82 14.67 -12.32 7.88
C ASP A 82 14.50 -13.82 7.65
N GLY A 83 13.90 -14.19 6.52
CA GLY A 83 13.69 -15.58 6.21
C GLY A 83 12.63 -15.79 5.13
N MET A 84 11.84 -16.85 5.25
CA MET A 84 10.87 -17.19 4.21
C MET A 84 9.78 -18.14 4.67
N ILE A 85 8.69 -18.14 3.92
CA ILE A 85 7.64 -19.14 4.10
C ILE A 85 7.50 -19.98 2.84
N ALA A 86 7.49 -21.30 3.01
CA ALA A 86 7.34 -22.24 1.91
C ALA A 86 6.33 -23.32 2.29
N ALA A 87 5.53 -23.75 1.33
CA ALA A 87 4.56 -24.81 1.56
C ALA A 87 4.94 -26.00 0.73
N SER A 88 4.74 -27.20 1.29
CA SER A 88 4.96 -28.42 0.54
C SER A 88 3.62 -28.78 -0.05
N ARG A 89 3.59 -29.41 -1.23
CA ARG A 89 2.28 -29.72 -1.81
C ARG A 89 1.52 -30.77 -0.99
N SER A 90 2.22 -31.42 -0.08
CA SER A 90 1.64 -32.42 0.81
C SER A 90 0.88 -31.82 2.00
N GLY A 91 1.06 -30.53 2.28
CA GLY A 91 0.21 -29.89 3.28
C GLY A 91 0.90 -29.15 4.41
N ILE A 92 2.23 -29.17 4.42
CA ILE A 92 2.97 -28.52 5.51
C ILE A 92 3.50 -27.16 5.08
N VAL A 93 3.04 -26.13 5.79
CA VAL A 93 3.56 -24.80 5.59
C VAL A 93 4.59 -24.51 6.69
N SER A 94 5.84 -24.21 6.30
CA SER A 94 6.91 -23.91 7.26
C SER A 94 7.36 -22.48 7.13
N GLY A 95 7.34 -21.76 8.25
CA GLY A 95 7.94 -20.45 8.32
C GLY A 95 9.38 -20.58 8.76
N TYR A 96 10.29 -20.05 7.94
CA TYR A 96 11.72 -20.15 8.22
C TYR A 96 12.32 -18.83 8.69
N MET A 97 13.11 -18.89 9.75
CA MET A 97 13.93 -17.76 10.18
C MET A 97 15.39 -18.12 9.94
N GLY A 98 16.01 -17.45 8.97
CA GLY A 98 17.27 -17.93 8.44
C GLY A 98 17.04 -19.28 7.78
N GLU A 99 17.73 -20.32 8.27
CA GLU A 99 17.55 -21.69 7.75
C GLU A 99 16.88 -22.61 8.78
N SER A 100 16.48 -22.03 9.92
CA SER A 100 15.81 -22.81 10.95
C SER A 100 14.28 -22.56 11.00
N ILE A 101 13.53 -23.62 11.25
CA ILE A 101 12.07 -23.56 11.27
C ILE A 101 11.54 -22.81 12.49
N ALA A 102 10.92 -21.65 12.27
CA ALA A 102 10.29 -20.92 13.37
C ALA A 102 8.91 -21.50 13.70
N TRP A 103 8.21 -21.95 12.66
CA TRP A 103 6.90 -22.56 12.85
C TRP A 103 6.47 -23.50 11.73
N GLN A 104 5.45 -24.29 12.02
CA GLN A 104 4.83 -25.14 11.02
C GLN A 104 3.31 -25.17 11.19
N TYR A 105 2.62 -25.24 10.06
CA TYR A 105 1.18 -25.39 10.03
C TYR A 105 0.83 -26.53 9.08
N ASN A 106 -0.03 -27.45 9.54
CA ASN A 106 -0.47 -28.56 8.70
C ASN A 106 -1.87 -28.31 8.17
N ALA A 107 -2.01 -28.21 6.85
CA ALA A 107 -3.30 -27.88 6.25
C ALA A 107 -4.23 -29.09 6.13
N GLU A 108 -3.70 -30.28 6.44
CA GLU A 108 -4.47 -31.52 6.34
C GLU A 108 -5.11 -31.73 4.97
N ASP A 109 -4.37 -31.34 3.93
CA ASP A 109 -4.85 -31.44 2.56
C ASP A 109 -3.74 -31.01 1.63
N VAL A 110 -3.85 -31.39 0.36
CA VAL A 110 -2.89 -31.00 -0.67
C VAL A 110 -2.99 -29.50 -0.90
N ILE A 111 -1.87 -28.81 -0.86
CA ILE A 111 -1.88 -27.37 -1.10
C ILE A 111 -1.68 -27.11 -2.58
N THR A 112 -2.62 -26.38 -3.17
CA THR A 112 -2.62 -26.17 -4.61
C THR A 112 -2.28 -24.74 -4.98
N GLY A 113 -2.42 -23.82 -4.02
CA GLY A 113 -2.18 -22.42 -4.28
C GLY A 113 -1.41 -21.74 -3.14
N GLY A 114 -0.27 -21.15 -3.47
CA GLY A 114 0.49 -20.40 -2.48
C GLY A 114 1.96 -20.33 -2.87
N VAL A 115 2.80 -19.71 -2.04
CA VAL A 115 2.37 -19.09 -0.79
C VAL A 115 2.13 -17.59 -1.04
N GLY A 116 0.92 -17.13 -0.76
CA GLY A 116 0.60 -15.72 -0.91
C GLY A 116 1.04 -14.99 0.34
N ILE A 117 1.46 -13.74 0.19
CA ILE A 117 1.99 -12.99 1.32
C ILE A 117 1.71 -11.51 1.08
N ASP A 118 1.32 -10.78 2.12
CA ASP A 118 1.20 -9.33 1.96
C ASP A 118 2.59 -8.69 1.84
N ASP A 119 2.65 -7.50 1.26
CA ASP A 119 3.94 -6.83 1.04
C ASP A 119 4.62 -6.47 2.37
N GLN A 120 3.86 -6.54 3.46
CA GLN A 120 4.36 -6.16 4.77
C GLN A 120 4.92 -7.36 5.51
N GLY A 121 4.83 -8.54 4.91
CA GLY A 121 5.32 -9.77 5.50
C GLY A 121 4.66 -10.16 6.81
N SER A 122 3.34 -10.02 6.90
CA SER A 122 2.66 -10.25 8.18
C SER A 122 1.54 -11.32 8.12
N VAL A 123 1.02 -11.58 6.93
CA VAL A 123 0.00 -12.61 6.80
C VAL A 123 0.23 -13.43 5.52
N ALA A 124 0.23 -14.75 5.66
CA ALA A 124 0.43 -15.66 4.55
C ALA A 124 -0.86 -16.40 4.21
N VAL A 125 -1.05 -16.70 2.93
CA VAL A 125 -2.27 -17.34 2.48
C VAL A 125 -1.99 -18.60 1.66
N ILE A 126 -2.72 -19.67 1.95
CA ILE A 126 -2.68 -20.86 1.11
C ILE A 126 -4.09 -21.35 0.72
N GLY A 127 -4.15 -21.98 -0.45
CA GLY A 127 -5.37 -22.60 -0.92
C GLY A 127 -5.12 -24.09 -1.04
N THR A 128 -6.12 -24.89 -0.70
CA THR A 128 -5.99 -26.33 -0.76
C THR A 128 -6.77 -26.91 -1.94
N ARG A 129 -6.46 -28.16 -2.26
CA ARG A 129 -7.12 -28.88 -3.33
C ARG A 129 -8.64 -28.92 -3.15
N SER A 130 -9.11 -28.95 -1.91
CA SER A 130 -10.55 -29.05 -1.64
C SER A 130 -11.27 -27.71 -1.62
N GLY A 131 -10.56 -26.62 -1.94
CA GLY A 131 -11.21 -25.32 -2.01
C GLY A 131 -11.11 -24.50 -0.75
N LYS A 132 -10.49 -25.06 0.28
CA LYS A 132 -10.21 -24.27 1.47
C LYS A 132 -9.17 -23.17 1.23
N LEU A 133 -9.39 -22.04 1.88
CA LEU A 133 -8.46 -20.93 1.83
C LEU A 133 -8.13 -20.53 3.25
N ILE A 134 -6.83 -20.51 3.56
CA ILE A 134 -6.34 -20.33 4.91
C ILE A 134 -5.36 -19.15 5.01
N ALA A 135 -5.63 -18.24 5.96
CA ALA A 135 -4.75 -17.12 6.24
C ALA A 135 -3.97 -17.42 7.51
N LEU A 136 -2.66 -17.26 7.46
CA LEU A 136 -1.80 -17.54 8.60
C LEU A 136 -1.05 -16.28 9.01
N ASP A 137 -0.89 -16.09 10.32
CA ASP A 137 0.01 -15.08 10.84
C ASP A 137 1.42 -15.45 10.42
N ALA A 138 2.11 -14.54 9.74
CA ALA A 138 3.41 -14.87 9.16
C ALA A 138 4.53 -15.08 10.20
N ARG A 139 4.35 -14.53 11.38
CA ARG A 139 5.38 -14.64 12.41
C ARG A 139 5.21 -15.90 13.28
N THR A 140 3.96 -16.29 13.51
CA THR A 140 3.66 -17.37 14.45
C THR A 140 3.20 -18.65 13.76
N GLY A 141 2.50 -18.51 12.65
CA GLY A 141 1.98 -19.65 11.92
C GLY A 141 0.55 -19.99 12.32
N ALA A 142 0.03 -19.27 13.30
CA ALA A 142 -1.35 -19.47 13.74
C ALA A 142 -2.30 -19.03 12.64
N ALA A 143 -3.37 -19.80 12.47
CA ALA A 143 -4.40 -19.46 11.49
C ALA A 143 -5.26 -18.30 11.98
N ARG A 144 -5.52 -17.35 11.10
CA ARG A 144 -6.40 -16.23 11.42
C ARG A 144 -7.83 -16.63 11.08
N TRP A 145 -7.97 -17.37 9.98
CA TRP A 145 -9.25 -17.87 9.51
C TRP A 145 -9.06 -18.98 8.49
N VAL A 146 -10.09 -19.80 8.34
CA VAL A 146 -10.14 -20.85 7.34
C VAL A 146 -11.53 -20.84 6.74
N VAL A 147 -11.64 -20.54 5.44
CA VAL A 147 -12.95 -20.54 4.79
C VAL A 147 -12.93 -21.55 3.64
N GLU A 148 -14.11 -21.95 3.18
CA GLU A 148 -14.18 -22.83 2.01
C GLU A 148 -14.85 -22.09 0.86
N LEU A 149 -14.16 -22.04 -0.27
CA LEU A 149 -14.73 -21.43 -1.46
C LEU A 149 -15.33 -22.50 -2.36
N ALA A 150 -16.17 -22.05 -3.28
CA ALA A 150 -16.79 -22.96 -4.25
C ALA A 150 -15.81 -23.53 -5.27
N SER A 151 -14.55 -23.07 -5.24
CA SER A 151 -13.54 -23.54 -6.20
C SER A 151 -12.11 -23.45 -5.64
N SER A 152 -11.20 -24.33 -6.09
CA SER A 152 -9.80 -24.26 -5.65
C SER A 152 -8.94 -23.34 -6.53
N SER A 153 -7.82 -22.90 -5.98
CA SER A 153 -6.87 -22.03 -6.67
C SER A 153 -5.53 -22.70 -6.93
N LEU A 154 -4.99 -22.51 -8.12
CA LEU A 154 -3.64 -23.00 -8.43
C LEU A 154 -2.57 -21.89 -8.40
N ALA A 155 -2.93 -20.70 -7.97
CA ALA A 155 -1.95 -19.61 -7.87
C ALA A 155 -2.00 -19.00 -6.49
N PRO A 156 -0.90 -18.38 -6.04
CA PRO A 156 -0.95 -17.68 -4.74
C PRO A 156 -2.03 -16.59 -4.75
N ALA A 157 -2.58 -16.30 -3.58
CA ALA A 157 -3.54 -15.21 -3.42
C ALA A 157 -2.78 -13.89 -3.38
N LEU A 158 -3.42 -12.83 -3.86
CA LEU A 158 -2.86 -11.49 -3.71
C LEU A 158 -3.45 -10.83 -2.46
N ILE A 159 -2.61 -10.12 -1.69
CA ILE A 159 -3.15 -9.29 -0.62
C ILE A 159 -2.98 -7.83 -1.00
N SER A 160 -4.09 -7.11 -1.05
CA SER A 160 -4.04 -5.67 -1.31
C SER A 160 -5.04 -4.94 -0.42
N GLY A 161 -4.55 -3.99 0.37
CA GLY A 161 -5.42 -3.26 1.28
C GLY A 161 -6.05 -4.20 2.29
N ASP A 162 -7.37 -4.17 2.38
CA ASP A 162 -8.06 -5.10 3.30
C ASP A 162 -8.64 -6.32 2.55
N LYS A 163 -8.01 -6.69 1.43
CA LYS A 163 -8.55 -7.71 0.55
C LYS A 163 -7.56 -8.83 0.26
N VAL A 164 -8.07 -10.05 0.25
CA VAL A 164 -7.35 -11.21 -0.24
C VAL A 164 -8.05 -11.58 -1.54
N ILE A 165 -7.30 -11.58 -2.63
CA ILE A 165 -7.90 -11.80 -3.94
C ILE A 165 -7.42 -13.11 -4.55
N VAL A 166 -8.39 -13.96 -4.87
CA VAL A 166 -8.09 -15.35 -5.23
C VAL A 166 -8.65 -15.65 -6.62
N ILE A 167 -7.81 -16.21 -7.49
CA ILE A 167 -8.28 -16.72 -8.76
C ILE A 167 -8.54 -18.23 -8.64
N THR A 168 -9.62 -18.73 -9.23
CA THR A 168 -9.95 -20.14 -9.07
C THR A 168 -10.25 -20.88 -10.36
N ASN A 169 -10.37 -22.19 -10.24
CA ASN A 169 -10.63 -23.06 -11.39
C ASN A 169 -11.94 -22.73 -12.10
N SER A 170 -12.93 -22.31 -11.32
CA SER A 170 -14.25 -21.99 -11.88
C SER A 170 -14.27 -20.76 -12.77
N GLY A 171 -13.19 -19.97 -12.74
CA GLY A 171 -13.18 -18.71 -13.44
C GLY A 171 -13.56 -17.56 -12.53
N THR A 172 -14.17 -17.90 -11.40
CA THR A 172 -14.54 -16.88 -10.42
C THR A 172 -13.31 -16.30 -9.71
N ILE A 173 -13.25 -14.98 -9.67
CA ILE A 173 -12.27 -14.29 -8.84
C ILE A 173 -12.96 -13.89 -7.53
N PHE A 174 -12.35 -14.25 -6.41
CA PHE A 174 -12.95 -13.99 -5.13
C PHE A 174 -12.23 -12.86 -4.41
N GLY A 175 -12.99 -11.87 -3.96
CA GLY A 175 -12.47 -10.84 -3.09
C GLY A 175 -12.84 -11.10 -1.63
N LEU A 176 -11.83 -11.40 -0.81
CA LEU A 176 -12.09 -11.80 0.57
C LEU A 176 -11.64 -10.77 1.59
N ASP A 177 -12.39 -10.67 2.69
CA ASP A 177 -12.03 -9.75 3.75
C ASP A 177 -10.80 -10.28 4.50
N ILE A 178 -9.75 -9.45 4.55
CA ILE A 178 -8.49 -9.84 5.14
C ILE A 178 -8.62 -10.27 6.61
N ASN A 179 -9.59 -9.71 7.33
CA ASN A 179 -9.74 -10.00 8.76
C ASN A 179 -10.54 -11.26 9.11
N SER A 180 -11.54 -11.59 8.29
CA SER A 180 -12.47 -12.69 8.61
C SER A 180 -12.45 -13.81 7.57
N GLY A 181 -12.09 -13.44 6.33
CA GLY A 181 -12.04 -14.39 5.24
C GLY A 181 -13.38 -14.43 4.55
N ALA A 182 -14.29 -13.58 5.00
CA ALA A 182 -15.62 -13.50 4.38
C ALA A 182 -15.53 -13.09 2.92
N THR A 183 -16.37 -13.67 2.08
CA THR A 183 -16.43 -13.25 0.69
C THR A 183 -17.13 -11.91 0.58
N VAL A 184 -16.41 -10.89 0.12
CA VAL A 184 -16.98 -9.57 -0.06
C VAL A 184 -17.53 -9.45 -1.48
N TRP A 185 -16.77 -9.96 -2.45
CA TRP A 185 -17.20 -9.91 -3.84
C TRP A 185 -16.71 -11.06 -4.71
N GLN A 186 -17.39 -11.24 -5.83
CA GLN A 186 -17.09 -12.31 -6.77
C GLN A 186 -17.11 -11.72 -8.17
N TYR A 187 -16.25 -12.22 -9.05
CA TYR A 187 -16.29 -11.80 -10.45
C TYR A 187 -16.04 -13.01 -11.32
N ALA A 188 -17.05 -13.36 -12.12
CA ALA A 188 -16.99 -14.54 -12.97
C ALA A 188 -16.30 -14.24 -14.31
N THR A 189 -15.22 -14.95 -14.60
CA THR A 189 -14.64 -14.89 -15.95
C THR A 189 -15.04 -16.16 -16.68
N GLN A 190 -15.07 -16.11 -18.00
CA GLN A 190 -15.44 -17.25 -18.79
C GLN A 190 -14.23 -18.17 -19.00
N VAL A 191 -14.47 -19.48 -18.93
CA VAL A 191 -13.44 -20.48 -19.05
C VAL A 191 -13.92 -21.52 -20.06
N PRO A 192 -13.12 -21.77 -21.13
CA PRO A 192 -13.48 -22.83 -22.10
C PRO A 192 -13.57 -24.20 -21.39
N ASN A 193 -14.25 -25.17 -21.99
CA ASN A 193 -14.45 -26.45 -21.29
C ASN A 193 -13.12 -27.12 -20.94
N THR A 194 -12.14 -26.93 -21.80
CA THR A 194 -10.76 -27.30 -21.50
C THR A 194 -9.91 -26.03 -21.55
N SER A 195 -9.18 -25.75 -20.49
CA SER A 195 -8.23 -24.63 -20.50
C SER A 195 -6.87 -25.16 -20.06
N VAL A 196 -5.85 -24.30 -20.14
CA VAL A 196 -4.51 -24.71 -19.77
C VAL A 196 -4.41 -24.81 -18.24
N ARG A 197 -3.82 -25.89 -17.74
CA ARG A 197 -3.76 -26.12 -16.30
C ARG A 197 -2.84 -25.11 -15.61
N GLY A 198 -3.38 -24.41 -14.61
CA GLY A 198 -2.64 -23.38 -13.90
C GLY A 198 -3.34 -22.04 -14.07
N MET A 199 -2.87 -21.02 -13.37
CA MET A 199 -3.52 -19.70 -13.49
C MET A 199 -2.58 -18.58 -13.08
N ALA A 200 -2.92 -17.34 -13.43
CA ALA A 200 -2.05 -16.21 -13.05
C ALA A 200 -2.42 -15.65 -11.69
N LYS A 201 -1.40 -15.36 -10.90
CA LYS A 201 -1.58 -14.66 -9.65
C LYS A 201 -2.14 -13.27 -9.92
N PRO A 202 -3.20 -12.89 -9.23
CA PRO A 202 -3.75 -11.55 -9.42
C PRO A 202 -2.70 -10.48 -9.08
N LEU A 203 -2.77 -9.32 -9.72
CA LEU A 203 -1.78 -8.27 -9.49
C LEU A 203 -2.44 -6.95 -9.10
N ALA A 204 -1.92 -6.30 -8.07
CA ALA A 204 -2.38 -4.97 -7.70
C ALA A 204 -1.74 -3.91 -8.60
N LEU A 205 -2.55 -3.30 -9.44
CA LEU A 205 -2.14 -2.19 -10.26
C LEU A 205 -1.90 -0.94 -9.40
N ASP A 206 -2.89 -0.58 -8.59
CA ASP A 206 -2.76 0.51 -7.62
C ASP A 206 -3.66 0.16 -6.43
N ALA A 207 -3.92 1.12 -5.54
CA ALA A 207 -4.73 0.84 -4.35
C ALA A 207 -6.16 0.39 -4.69
N ARG A 208 -6.64 0.77 -5.87
CA ARG A 208 -8.05 0.56 -6.18
C ARG A 208 -8.33 -0.37 -7.36
N THR A 209 -7.26 -0.88 -7.97
CA THR A 209 -7.40 -1.65 -9.20
C THR A 209 -6.57 -2.93 -9.15
N VAL A 210 -7.21 -4.05 -9.41
CA VAL A 210 -6.48 -5.29 -9.50
C VAL A 210 -6.56 -5.86 -10.92
N LEU A 211 -5.51 -6.54 -11.36
CA LEU A 211 -5.46 -7.08 -12.72
C LEU A 211 -5.46 -8.60 -12.68
N ILE A 212 -6.42 -9.19 -13.38
CA ILE A 212 -6.57 -10.62 -13.40
C ILE A 212 -6.22 -11.08 -14.80
N GLY A 213 -5.35 -12.08 -14.91
CA GLY A 213 -5.15 -12.79 -16.16
C GLY A 213 -6.15 -13.94 -16.21
N GLY A 214 -6.95 -13.98 -17.28
CA GLY A 214 -8.03 -14.94 -17.39
C GLY A 214 -7.78 -16.12 -18.33
N ALA A 215 -8.47 -17.23 -18.03
CA ALA A 215 -8.43 -18.40 -18.88
C ALA A 215 -9.05 -18.07 -20.24
N ASP A 216 -9.86 -17.01 -20.27
CA ASP A 216 -10.49 -16.57 -21.52
C ASP A 216 -9.53 -15.71 -22.37
N GLY A 217 -8.27 -15.60 -21.93
CA GLY A 217 -7.27 -14.86 -22.67
C GLY A 217 -7.35 -13.35 -22.53
N ARG A 218 -8.26 -12.85 -21.70
CA ARG A 218 -8.39 -11.43 -21.47
C ARG A 218 -7.69 -11.00 -20.20
N ILE A 219 -7.29 -9.74 -20.15
CA ILE A 219 -6.89 -9.13 -18.89
C ILE A 219 -8.12 -8.43 -18.35
N HIS A 220 -8.45 -8.70 -17.09
CA HIS A 220 -9.62 -8.10 -16.46
C HIS A 220 -9.16 -7.15 -15.36
N ALA A 221 -9.58 -5.90 -15.43
CA ALA A 221 -9.20 -4.93 -14.43
C ALA A 221 -10.40 -4.66 -13.51
N LEU A 222 -10.24 -4.99 -12.23
CA LEU A 222 -11.37 -4.94 -11.30
C LEU A 222 -11.17 -3.90 -10.22
N ASP A 223 -12.24 -3.20 -9.87
CA ASP A 223 -12.20 -2.35 -8.68
C ASP A 223 -11.96 -3.22 -7.46
N THR A 224 -10.92 -2.89 -6.67
CA THR A 224 -10.53 -3.70 -5.53
C THR A 224 -11.63 -3.78 -4.44
N MET A 225 -12.42 -2.73 -4.31
CA MET A 225 -13.42 -2.69 -3.23
C MET A 225 -14.72 -3.43 -3.54
N THR A 226 -15.15 -3.40 -4.81
CA THR A 226 -16.47 -3.89 -5.22
C THR A 226 -16.44 -5.08 -6.19
N GLY A 227 -15.29 -5.34 -6.82
CA GLY A 227 -15.20 -6.41 -7.79
C GLY A 227 -15.73 -6.08 -9.18
N ALA A 228 -16.29 -4.88 -9.34
CA ALA A 228 -16.83 -4.48 -10.63
C ALA A 228 -15.71 -4.30 -11.63
N PRO A 229 -15.95 -4.65 -12.89
CA PRO A 229 -14.89 -4.48 -13.90
C PRO A 229 -14.68 -3.00 -14.26
N VAL A 230 -13.43 -2.59 -14.28
CA VAL A 230 -13.07 -1.23 -14.61
C VAL A 230 -12.81 -1.14 -16.12
N TRP A 231 -12.10 -2.14 -16.64
CA TRP A 231 -11.90 -2.32 -18.07
C TRP A 231 -11.36 -3.72 -18.34
N THR A 232 -11.36 -4.13 -19.60
CA THR A 232 -10.73 -5.39 -19.97
C THR A 232 -9.98 -5.19 -21.29
N ARG A 233 -8.98 -6.03 -21.52
CA ARG A 233 -8.35 -6.08 -22.83
C ARG A 233 -8.21 -7.52 -23.27
N ARG A 234 -8.37 -7.74 -24.56
CA ARG A 234 -8.16 -9.05 -25.13
C ARG A 234 -6.69 -9.20 -25.49
N VAL A 235 -6.10 -10.33 -25.12
CA VAL A 235 -4.72 -10.65 -25.46
C VAL A 235 -4.68 -11.97 -26.21
N GLY A 236 -5.06 -13.06 -25.55
CA GLY A 236 -5.11 -14.37 -26.20
C GLY A 236 -6.29 -14.51 -27.15
N LEU A 237 -6.06 -15.10 -28.31
CA LEU A 237 -7.11 -15.25 -29.33
C LEU A 237 -7.37 -16.72 -29.62
N ALA A 238 -8.63 -17.13 -29.54
CA ALA A 238 -9.02 -18.47 -29.97
C ALA A 238 -8.87 -18.61 -31.49
N MET A 239 -8.46 -19.80 -31.95
CA MET A 239 -8.36 -20.10 -33.38
C MET A 239 -9.51 -20.99 -33.84
N GLY A 240 -10.65 -20.93 -33.16
CA GLY A 240 -11.76 -21.78 -33.52
C GLY A 240 -12.44 -22.39 -32.30
N SER A 241 -13.41 -23.25 -32.53
CA SER A 241 -14.26 -23.77 -31.45
C SER A 241 -13.75 -25.07 -30.84
N GLY A 242 -12.83 -25.76 -31.51
CA GLY A 242 -12.27 -27.01 -31.01
C GLY A 242 -11.51 -26.84 -29.70
N GLU A 243 -11.28 -27.94 -28.99
CA GLU A 243 -10.70 -27.84 -27.65
C GLU A 243 -9.26 -27.33 -27.67
N ILE A 244 -8.49 -27.73 -28.68
CA ILE A 244 -7.13 -27.24 -28.79
C ILE A 244 -7.13 -25.80 -29.29
N ASP A 245 -8.00 -25.51 -30.26
CA ASP A 245 -8.07 -24.18 -30.88
C ASP A 245 -8.48 -23.08 -29.90
N GLN A 246 -9.22 -23.44 -28.85
CA GLN A 246 -9.72 -22.46 -27.89
C GLN A 246 -8.66 -22.04 -26.87
N LEU A 247 -7.65 -22.88 -26.66
CA LEU A 247 -6.63 -22.65 -25.64
C LEU A 247 -5.98 -21.27 -25.77
N ARG A 248 -6.23 -20.41 -24.80
CA ARG A 248 -5.74 -19.03 -24.89
C ARG A 248 -5.42 -18.38 -23.54
N ASP A 249 -5.14 -19.19 -22.52
CA ASP A 249 -4.98 -18.68 -21.15
C ASP A 249 -3.89 -17.63 -21.07
N ILE A 250 -4.16 -16.59 -20.30
CA ILE A 250 -3.11 -15.79 -19.73
C ILE A 250 -2.87 -16.39 -18.35
N ASP A 251 -1.91 -17.30 -18.24
CA ASP A 251 -1.62 -17.97 -16.96
C ASP A 251 -0.39 -17.41 -16.27
N GLY A 252 0.29 -16.49 -16.93
CA GLY A 252 1.41 -15.78 -16.33
C GLY A 252 0.96 -14.40 -15.90
N THR A 253 1.15 -14.05 -14.63
CA THR A 253 0.77 -12.73 -14.10
C THR A 253 1.28 -11.58 -14.98
N PRO A 254 0.37 -10.69 -15.41
CA PRO A 254 0.84 -9.59 -16.27
C PRO A 254 1.94 -8.76 -15.61
N THR A 255 2.78 -8.15 -16.45
CA THR A 255 3.90 -7.38 -15.96
C THR A 255 3.64 -5.89 -16.10
N VAL A 256 3.80 -5.17 -14.99
CA VAL A 256 3.68 -3.72 -15.02
C VAL A 256 5.04 -3.06 -14.79
N VAL A 257 5.33 -2.08 -15.64
CA VAL A 257 6.50 -1.21 -15.50
C VAL A 257 6.04 0.23 -15.77
N ASP A 258 6.12 1.07 -14.76
CA ASP A 258 5.56 2.42 -14.82
C ASP A 258 4.07 2.37 -15.17
N HIS A 259 3.72 2.98 -16.30
CA HIS A 259 2.35 2.98 -16.79
C HIS A 259 2.18 2.04 -17.99
N TYR A 260 3.14 1.14 -18.17
CA TYR A 260 3.09 0.17 -19.24
C TYR A 260 2.73 -1.22 -18.73
N LEU A 261 1.97 -1.97 -19.53
CA LEU A 261 1.45 -3.28 -19.14
C LEU A 261 1.74 -4.32 -20.24
N TYR A 262 2.27 -5.47 -19.82
CA TYR A 262 2.59 -6.55 -20.74
C TYR A 262 1.96 -7.85 -20.30
N ALA A 263 1.43 -8.60 -21.26
CA ALA A 263 0.97 -9.96 -21.00
C ALA A 263 1.05 -10.82 -22.24
N ALA A 264 1.29 -12.11 -22.02
CA ALA A 264 1.35 -13.07 -23.09
C ALA A 264 0.30 -14.14 -22.81
N SER A 265 0.14 -15.06 -23.74
CA SER A 265 -0.96 -15.97 -23.66
C SER A 265 -0.57 -17.27 -24.33
N TYR A 266 -1.25 -18.34 -23.93
CA TYR A 266 -0.96 -19.65 -24.47
C TYR A 266 -1.09 -19.65 -25.99
N SER A 267 -2.03 -18.87 -26.51
CA SER A 267 -2.34 -18.96 -27.93
C SER A 267 -1.32 -18.25 -28.82
N GLY A 268 -0.43 -17.46 -28.21
CA GLY A 268 0.71 -16.91 -28.93
C GLY A 268 0.81 -15.40 -29.06
N GLN A 269 -0.03 -14.65 -28.35
CA GLN A 269 0.04 -13.19 -28.39
C GLN A 269 0.73 -12.64 -27.16
N LEU A 270 1.66 -11.72 -27.36
CA LEU A 270 2.23 -10.91 -26.28
C LEU A 270 1.83 -9.47 -26.57
N ALA A 271 1.03 -8.88 -25.69
CA ALA A 271 0.56 -7.51 -25.90
C ALA A 271 1.24 -6.53 -24.96
N GLY A 272 1.60 -5.37 -25.51
CA GLY A 272 2.06 -4.25 -24.71
C GLY A 272 1.02 -3.15 -24.73
N PHE A 273 0.69 -2.59 -23.57
CA PHE A 273 -0.37 -1.59 -23.44
C PHE A 273 0.14 -0.33 -22.75
N ASP A 274 -0.34 0.82 -23.19
CA ASP A 274 -0.09 2.09 -22.51
C ASP A 274 -1.31 2.39 -21.65
N MET A 275 -1.18 2.20 -20.34
CA MET A 275 -2.35 2.34 -19.46
C MET A 275 -2.80 3.78 -19.28
N THR A 276 -1.92 4.72 -19.63
CA THR A 276 -2.29 6.13 -19.56
C THR A 276 -3.27 6.49 -20.68
N THR A 277 -3.00 6.00 -21.88
CA THR A 277 -3.89 6.29 -22.99
C THR A 277 -4.93 5.19 -23.20
N GLY A 278 -4.64 3.99 -22.69
CA GLY A 278 -5.48 2.84 -22.92
C GLY A 278 -5.21 2.23 -24.28
N ARG A 279 -4.16 2.70 -24.94
CA ARG A 279 -3.85 2.26 -26.29
C ARG A 279 -2.95 1.02 -26.30
N THR A 280 -3.13 0.21 -27.32
CA THR A 280 -2.27 -0.93 -27.53
C THR A 280 -1.02 -0.47 -28.28
N MET A 281 0.15 -0.67 -27.70
CA MET A 281 1.40 -0.29 -28.35
C MET A 281 1.84 -1.30 -29.41
N PHE A 282 1.71 -2.58 -29.09
CA PHE A 282 2.10 -3.65 -30.02
C PHE A 282 1.48 -4.97 -29.59
N VAL A 283 1.41 -5.90 -30.53
CA VAL A 283 1.14 -7.31 -30.23
C VAL A 283 2.20 -8.15 -30.96
N SER A 284 2.99 -8.90 -30.20
CA SER A 284 4.05 -9.72 -30.78
C SER A 284 3.71 -11.18 -30.59
N GLU A 285 4.55 -12.05 -31.14
CA GLU A 285 4.32 -13.48 -31.08
C GLU A 285 5.09 -14.15 -29.95
N LEU A 286 4.34 -14.66 -28.98
CA LEU A 286 4.94 -15.48 -27.92
C LEU A 286 3.84 -16.26 -27.23
N SER A 287 3.89 -17.58 -27.38
CA SER A 287 3.04 -18.48 -26.63
C SER A 287 3.72 -18.80 -25.31
N SER A 288 3.07 -18.46 -24.20
CA SER A 288 3.69 -18.60 -22.87
C SER A 288 2.66 -18.89 -21.78
N THR A 289 3.10 -19.53 -20.71
CA THR A 289 2.22 -19.73 -19.57
C THR A 289 2.92 -19.20 -18.35
N LYS A 290 4.02 -18.48 -18.57
CA LYS A 290 4.81 -17.96 -17.46
C LYS A 290 4.82 -16.44 -17.43
N LYS A 291 5.04 -15.90 -16.24
CA LYS A 291 5.23 -14.48 -16.07
C LYS A 291 6.38 -13.99 -16.98
N LEU A 292 6.24 -12.77 -17.48
CA LEU A 292 7.28 -12.14 -18.27
C LEU A 292 8.23 -11.45 -17.31
N THR A 293 9.38 -11.00 -17.81
CA THR A 293 10.23 -10.11 -17.05
C THR A 293 10.71 -8.97 -17.95
N THR A 294 11.23 -7.90 -17.36
CA THR A 294 11.77 -6.81 -18.15
C THR A 294 13.21 -6.56 -17.78
N LEU A 295 13.97 -6.05 -18.74
CA LEU A 295 15.36 -5.65 -18.54
C LEU A 295 15.62 -4.43 -19.44
N ALA A 296 15.76 -3.26 -18.82
CA ALA A 296 15.80 -1.99 -19.54
C ALA A 296 14.62 -1.87 -20.52
N ASP A 297 14.91 -1.83 -21.81
CA ASP A 297 13.85 -1.63 -22.81
C ASP A 297 13.37 -2.95 -23.42
N ALA A 298 13.79 -4.07 -22.84
CA ALA A 298 13.39 -5.38 -23.32
C ALA A 298 12.29 -5.96 -22.44
N VAL A 299 11.27 -6.53 -23.05
CA VAL A 299 10.37 -7.42 -22.32
C VAL A 299 10.70 -8.85 -22.74
N ILE A 300 10.85 -9.74 -21.78
CA ILE A 300 11.36 -11.09 -22.04
C ILE A 300 10.43 -12.17 -21.47
N GLY A 301 10.23 -13.25 -22.25
CA GLY A 301 9.40 -14.37 -21.81
C GLY A 301 9.93 -15.75 -22.22
N SER A 302 9.36 -16.80 -21.61
CA SER A 302 9.71 -18.18 -21.92
C SER A 302 8.57 -18.79 -22.70
N SER A 303 8.88 -19.42 -23.82
CA SER A 303 7.83 -19.96 -24.66
C SER A 303 7.43 -21.36 -24.20
N THR A 304 6.30 -21.83 -24.70
CA THR A 304 5.85 -23.16 -24.35
C THR A 304 6.73 -24.23 -25.02
N ASP A 305 7.59 -23.79 -25.94
CA ASP A 305 8.53 -24.64 -26.67
C ASP A 305 9.91 -24.64 -26.05
N GLY A 306 10.12 -23.80 -25.04
CA GLY A 306 11.42 -23.71 -24.41
C GLY A 306 12.35 -22.70 -25.06
N ASP A 307 11.79 -21.78 -25.85
CA ASP A 307 12.55 -20.63 -26.35
C ASP A 307 12.58 -19.52 -25.28
N VAL A 308 13.66 -18.76 -25.24
CA VAL A 308 13.67 -17.53 -24.47
C VAL A 308 13.82 -16.39 -25.48
N VAL A 309 12.86 -15.46 -25.48
CA VAL A 309 12.78 -14.45 -26.53
C VAL A 309 12.55 -13.08 -25.91
N ALA A 310 13.16 -12.06 -26.52
CA ALA A 310 13.09 -10.69 -26.03
C ALA A 310 12.53 -9.73 -27.09
N PHE A 311 11.68 -8.82 -26.65
CA PHE A 311 11.12 -7.80 -27.53
C PHE A 311 11.35 -6.41 -26.95
N ASN A 312 11.43 -5.43 -27.84
CA ASN A 312 11.44 -4.05 -27.44
C ASN A 312 10.08 -3.74 -26.80
N ARG A 313 10.09 -3.24 -25.56
CA ARG A 313 8.84 -3.14 -24.82
C ARG A 313 8.04 -1.88 -25.14
N MET A 314 8.48 -1.15 -26.16
CA MET A 314 7.73 -0.01 -26.66
C MET A 314 7.16 -0.30 -28.06
N THR A 315 7.93 -1.04 -28.86
CA THR A 315 7.55 -1.21 -30.25
C THR A 315 7.19 -2.63 -30.60
N GLY A 316 7.63 -3.57 -29.77
CA GLY A 316 7.35 -4.98 -29.99
C GLY A 316 8.30 -5.68 -30.93
N GLU A 317 9.32 -4.97 -31.40
CA GLU A 317 10.25 -5.58 -32.35
C GLU A 317 11.13 -6.59 -31.64
N LYS A 318 11.47 -7.67 -32.34
CA LYS A 318 12.22 -8.77 -31.75
C LYS A 318 13.67 -8.35 -31.56
N LEU A 319 14.16 -8.55 -30.34
CA LEU A 319 15.51 -8.18 -29.99
C LEU A 319 16.44 -9.39 -30.13
N TRP A 320 16.02 -10.50 -29.52
CA TRP A 320 16.77 -11.75 -29.62
C TRP A 320 15.92 -12.96 -29.27
N GLU A 321 16.40 -14.13 -29.64
CA GLU A 321 15.69 -15.34 -29.32
C GLU A 321 16.68 -16.48 -29.13
N ASN A 322 16.65 -17.12 -27.96
CA ASN A 322 17.58 -18.20 -27.69
C ASN A 322 16.87 -19.54 -27.76
N HIS A 323 17.40 -20.45 -28.60
CA HIS A 323 16.77 -21.76 -28.80
C HIS A 323 17.50 -22.92 -28.09
N ASP A 324 18.54 -22.61 -27.32
CA ASP A 324 19.34 -23.67 -26.67
C ASP A 324 18.54 -24.54 -25.70
N LEU A 325 17.43 -24.02 -25.16
CA LEU A 325 16.69 -24.78 -24.14
C LEU A 325 15.39 -25.37 -24.63
N LYS A 326 15.21 -25.44 -25.95
CA LYS A 326 14.00 -26.00 -26.58
C LYS A 326 13.54 -27.29 -25.87
N TYR A 327 12.23 -27.39 -25.65
CA TYR A 327 11.57 -28.56 -25.03
C TYR A 327 12.01 -28.96 -23.61
N ARG A 328 12.68 -28.05 -22.89
CA ARG A 328 13.17 -28.42 -21.57
C ARG A 328 12.21 -28.12 -20.42
N GLY A 329 11.09 -27.48 -20.74
CA GLY A 329 10.09 -27.16 -19.73
C GLY A 329 10.61 -26.03 -18.86
N LEU A 330 10.48 -24.81 -19.36
CA LEU A 330 11.10 -23.66 -18.69
C LEU A 330 10.20 -22.99 -17.67
N THR A 331 10.81 -22.40 -16.67
CA THR A 331 10.09 -21.52 -15.75
C THR A 331 9.92 -20.16 -16.41
N ASN A 332 9.36 -19.23 -15.64
CA ASN A 332 9.36 -17.84 -16.02
C ASN A 332 10.79 -17.36 -16.02
N PRO A 333 11.14 -16.45 -16.93
CA PRO A 333 12.50 -15.89 -16.86
C PRO A 333 12.49 -14.75 -15.85
N VAL A 334 13.57 -14.59 -15.08
CA VAL A 334 13.67 -13.48 -14.15
C VAL A 334 14.90 -12.61 -14.39
N THR A 335 14.80 -11.36 -13.96
CA THR A 335 15.85 -10.37 -14.07
C THR A 335 16.68 -10.34 -12.79
N ILE A 336 17.96 -10.65 -12.93
CA ILE A 336 18.87 -10.60 -11.79
C ILE A 336 20.00 -9.59 -12.07
N GLY A 337 19.80 -8.34 -11.69
CA GLY A 337 20.75 -7.29 -12.03
C GLY A 337 20.67 -7.00 -13.51
N THR A 338 21.77 -7.20 -14.21
CA THR A 338 21.80 -6.97 -15.65
C THR A 338 21.71 -8.28 -16.39
N TYR A 339 21.55 -9.37 -15.64
CA TYR A 339 21.41 -10.71 -16.22
C TYR A 339 19.98 -11.25 -16.16
N ILE A 340 19.76 -12.36 -16.87
CA ILE A 340 18.47 -13.02 -16.87
C ILE A 340 18.63 -14.47 -16.47
N ALA A 341 17.73 -14.95 -15.62
CA ALA A 341 17.74 -16.35 -15.21
C ALA A 341 16.44 -17.09 -15.57
N VAL A 342 16.59 -18.33 -16.03
CA VAL A 342 15.45 -19.16 -16.31
C VAL A 342 15.79 -20.57 -15.89
N GLY A 343 14.83 -21.26 -15.28
CA GLY A 343 15.03 -22.63 -14.81
C GLY A 343 14.33 -23.65 -15.69
N ASP A 344 14.68 -24.92 -15.54
CA ASP A 344 14.01 -25.97 -16.30
C ASP A 344 13.62 -27.20 -15.48
N ALA A 345 13.11 -28.22 -16.18
CA ALA A 345 12.57 -29.42 -15.55
C ALA A 345 13.63 -30.43 -15.09
N ASP A 346 14.88 -30.22 -15.49
CA ASP A 346 16.01 -31.00 -14.96
C ASP A 346 16.63 -30.35 -13.72
N GLY A 347 16.07 -29.24 -13.29
CA GLY A 347 16.57 -28.52 -12.13
C GLY A 347 17.67 -27.56 -12.46
N VAL A 348 17.89 -27.30 -13.75
CA VAL A 348 18.96 -26.39 -14.15
C VAL A 348 18.45 -24.95 -14.29
N VAL A 349 19.19 -24.01 -13.70
CA VAL A 349 18.91 -22.60 -13.88
C VAL A 349 19.97 -22.03 -14.81
N HIS A 350 19.55 -21.52 -15.97
CA HIS A 350 20.51 -20.97 -16.92
C HIS A 350 20.58 -19.46 -16.78
N ILE A 351 21.78 -18.90 -16.89
CA ILE A 351 21.96 -17.46 -16.78
C ILE A 351 22.31 -16.84 -18.14
N LEU A 352 21.52 -15.86 -18.56
CA LEU A 352 21.71 -15.21 -19.86
C LEU A 352 22.17 -13.77 -19.71
N ASN A 353 23.04 -13.32 -20.61
CA ASN A 353 23.37 -11.89 -20.68
C ASN A 353 22.25 -11.13 -21.39
N HIS A 354 22.39 -9.82 -21.49
CA HIS A 354 21.33 -9.02 -22.07
C HIS A 354 21.25 -9.16 -23.58
N GLN A 355 22.08 -10.04 -24.15
CA GLN A 355 22.02 -10.30 -25.58
C GLN A 355 21.51 -11.72 -25.83
N GLY A 356 20.97 -12.34 -24.79
CA GLY A 356 20.34 -13.64 -24.90
C GLY A 356 21.30 -14.80 -25.12
N GLN A 357 22.54 -14.64 -24.65
CA GLN A 357 23.54 -15.70 -24.74
C GLN A 357 23.65 -16.32 -23.37
N ILE A 358 23.70 -17.64 -23.32
CA ILE A 358 23.90 -18.31 -22.05
C ILE A 358 25.38 -18.24 -21.65
N ILE A 359 25.64 -17.77 -20.43
CA ILE A 359 27.01 -17.66 -19.93
C ILE A 359 27.28 -18.54 -18.69
N SER A 360 26.23 -19.06 -18.06
CA SER A 360 26.42 -19.84 -16.83
C SER A 360 25.24 -20.78 -16.52
N ARG A 361 25.47 -21.74 -15.63
CA ARG A 361 24.43 -22.70 -15.22
C ARG A 361 24.63 -23.15 -13.78
N ALA A 362 23.60 -22.98 -12.95
CA ALA A 362 23.56 -23.57 -11.61
C ALA A 362 22.60 -24.76 -11.67
N ASN A 363 22.93 -25.82 -10.93
CA ASN A 363 22.12 -27.05 -10.94
C ASN A 363 21.56 -27.36 -9.57
N THR A 364 20.27 -27.67 -9.51
CA THR A 364 19.62 -28.13 -8.29
C THR A 364 18.94 -29.47 -8.49
N LYS A 365 18.32 -29.99 -7.43
CA LYS A 365 17.65 -31.27 -7.53
C LYS A 365 16.14 -31.09 -7.58
N GLY A 366 15.56 -31.51 -8.69
CA GLY A 366 14.12 -31.46 -8.86
C GLY A 366 13.71 -30.47 -9.93
N ALA A 367 12.57 -30.73 -10.55
CA ALA A 367 12.00 -29.87 -11.58
C ALA A 367 11.60 -28.50 -11.06
N LEU A 368 11.93 -27.47 -11.81
CA LEU A 368 11.55 -26.11 -11.45
C LEU A 368 10.38 -25.68 -12.34
N THR A 369 9.46 -24.90 -11.79
CA THR A 369 8.42 -24.30 -12.62
C THR A 369 8.28 -22.79 -12.37
N ASN A 370 8.88 -22.30 -11.28
CA ASN A 370 8.79 -20.87 -10.94
C ASN A 370 10.03 -20.29 -10.29
N LEU A 371 10.47 -19.12 -10.74
CA LEU A 371 11.57 -18.43 -10.08
C LEU A 371 11.09 -17.11 -9.48
N THR A 372 11.61 -16.78 -8.30
CA THR A 372 11.24 -15.57 -7.59
C THR A 372 12.47 -14.73 -7.27
N VAL A 373 12.42 -13.45 -7.63
CA VAL A 373 13.52 -12.57 -7.25
C VAL A 373 13.01 -11.52 -6.28
N ILE A 374 13.66 -11.46 -5.13
CA ILE A 374 13.27 -10.48 -4.12
C ILE A 374 14.57 -9.88 -3.63
N ASN A 375 14.62 -8.54 -3.65
CA ASN A 375 15.85 -7.80 -3.42
C ASN A 375 17.03 -8.37 -4.18
N ASN A 376 17.91 -9.07 -3.47
CA ASN A 376 19.19 -9.47 -4.04
C ASN A 376 19.26 -10.97 -4.29
N ARG A 377 18.22 -11.68 -3.91
CA ARG A 377 18.28 -13.13 -3.91
C ARG A 377 17.32 -13.78 -4.90
N LEU A 378 17.75 -14.89 -5.47
CA LEU A 378 16.93 -15.69 -6.36
C LEU A 378 16.42 -16.96 -5.65
N TYR A 379 15.09 -17.15 -5.63
CA TYR A 379 14.49 -18.27 -4.91
C TYR A 379 13.88 -19.29 -5.87
N ALA A 380 14.22 -20.56 -5.69
CA ALA A 380 13.62 -21.65 -6.47
C ALA A 380 13.05 -22.77 -5.60
N GLN A 381 11.78 -23.14 -5.85
CA GLN A 381 11.20 -24.30 -5.20
C GLN A 381 10.92 -25.40 -6.22
N SER A 382 11.54 -26.55 -6.01
CA SER A 382 11.41 -27.66 -6.95
C SER A 382 10.18 -28.49 -6.63
N ALA A 383 9.81 -29.36 -7.55
CA ALA A 383 8.66 -30.24 -7.37
C ALA A 383 9.01 -31.37 -6.40
N ASP A 384 10.31 -31.55 -6.13
CA ASP A 384 10.83 -32.53 -5.17
C ASP A 384 10.86 -31.98 -3.74
N GLY A 385 10.29 -30.80 -3.55
CA GLY A 385 10.20 -30.18 -2.23
C GLY A 385 11.48 -29.49 -1.76
N VAL A 386 12.44 -29.33 -2.66
CA VAL A 386 13.69 -28.63 -2.33
C VAL A 386 13.56 -27.14 -2.63
N VAL A 387 13.92 -26.31 -1.66
CA VAL A 387 13.97 -24.87 -1.87
C VAL A 387 15.44 -24.41 -1.92
N THR A 388 15.83 -23.74 -3.01
CA THR A 388 17.20 -23.26 -3.12
C THR A 388 17.22 -21.75 -3.26
N VAL A 389 18.19 -21.12 -2.62
CA VAL A 389 18.31 -19.67 -2.67
C VAL A 389 19.70 -19.33 -3.17
N TRP A 390 19.79 -18.32 -4.04
CA TRP A 390 21.08 -17.79 -4.49
C TRP A 390 21.10 -16.29 -4.32
N GLN A 391 22.30 -15.73 -4.19
CA GLN A 391 22.47 -14.29 -4.13
C GLN A 391 23.28 -13.84 -5.34
N PHE A 392 22.98 -12.65 -5.84
CA PHE A 392 23.69 -12.09 -7.00
C PHE A 392 24.06 -10.65 -6.71
N ALA B 44 15.56 13.90 -6.87
CA ALA B 44 15.05 13.51 -5.54
C ALA B 44 14.00 12.40 -5.66
N VAL B 45 14.32 11.24 -5.08
CA VAL B 45 13.51 10.04 -5.21
C VAL B 45 13.34 9.39 -3.85
N LEU B 46 12.13 8.91 -3.56
CA LEU B 46 11.89 8.21 -2.32
C LEU B 46 12.31 6.74 -2.39
N THR B 47 12.80 6.24 -1.28
CA THR B 47 13.05 4.83 -1.12
C THR B 47 12.26 4.40 0.11
N GLN B 48 11.75 3.18 0.07
CA GLN B 48 10.91 2.68 1.15
C GLN B 48 11.77 2.22 2.31
N VAL B 49 11.44 2.70 3.50
CA VAL B 49 12.16 2.36 4.72
C VAL B 49 11.39 1.30 5.54
N SER B 50 10.08 1.46 5.65
CA SER B 50 9.24 0.55 6.43
C SER B 50 7.94 0.21 5.70
N SER B 51 7.42 -0.97 5.99
CA SER B 51 6.08 -1.32 5.54
C SER B 51 5.45 -2.18 6.64
N ILE B 52 4.44 -1.64 7.30
CA ILE B 52 3.87 -2.30 8.46
C ILE B 52 2.36 -2.43 8.33
N ARG B 53 1.85 -3.66 8.50
CA ARG B 53 0.42 -3.88 8.56
C ARG B 53 -0.02 -3.91 10.02
N LEU B 54 -0.86 -2.96 10.42
CA LEU B 54 -1.37 -2.93 11.77
C LEU B 54 -2.31 -4.14 12.01
N ASP B 55 -2.24 -4.71 13.21
CA ASP B 55 -3.19 -5.75 13.62
C ASP B 55 -4.60 -5.18 13.65
N GLN B 56 -5.59 -6.00 13.31
CA GLN B 56 -6.96 -5.50 13.19
C GLN B 56 -7.88 -6.15 14.22
N ASP B 74 -9.61 9.15 9.13
CA ASP B 74 -8.36 9.90 8.99
C ASP B 74 -7.41 9.82 10.22
N LEU B 75 -6.98 8.61 10.56
CA LEU B 75 -6.04 8.38 11.68
C LEU B 75 -4.59 8.82 11.41
N GLN B 76 -3.98 9.45 12.41
CA GLN B 76 -2.60 9.91 12.32
C GLN B 76 -1.68 9.10 13.23
N ILE B 77 -0.46 8.82 12.77
CA ILE B 77 0.46 8.09 13.63
C ILE B 77 1.11 9.05 14.62
N ALA B 78 1.39 8.55 15.82
CA ALA B 78 2.01 9.38 16.85
C ALA B 78 3.48 9.02 16.92
N PRO B 79 4.35 9.99 16.67
CA PRO B 79 5.79 9.74 16.74
C PRO B 79 6.28 9.59 18.17
N LEU B 80 7.22 8.66 18.37
CA LEU B 80 8.02 8.62 19.59
C LEU B 80 9.47 8.82 19.16
N ALA B 81 10.30 9.33 20.06
CA ALA B 81 11.71 9.55 19.76
C ALA B 81 12.35 8.29 19.17
N ASP B 82 11.93 7.13 19.67
CA ASP B 82 12.50 5.85 19.25
C ASP B 82 11.48 4.93 18.55
N GLY B 83 10.39 5.49 18.04
CA GLY B 83 9.44 4.68 17.29
C GLY B 83 8.15 5.40 16.94
N MET B 84 7.03 4.72 17.13
CA MET B 84 5.73 5.31 16.78
C MET B 84 4.58 4.57 17.44
N ILE B 85 3.46 5.28 17.54
CA ILE B 85 2.22 4.68 17.98
C ILE B 85 1.20 4.85 16.88
N ALA B 86 0.55 3.75 16.49
CA ALA B 86 -0.43 3.81 15.40
C ALA B 86 -1.67 3.01 15.75
N ALA B 87 -2.82 3.45 15.25
CA ALA B 87 -4.09 2.80 15.57
C ALA B 87 -4.77 2.28 14.32
N SER B 88 -5.23 1.04 14.39
CA SER B 88 -6.02 0.49 13.29
C SER B 88 -7.47 0.91 13.47
N ARG B 89 -8.18 1.16 12.37
CA ARG B 89 -9.58 1.55 12.44
C ARG B 89 -10.45 0.56 13.19
N SER B 90 -10.04 -0.70 13.24
CA SER B 90 -10.89 -1.70 13.86
C SER B 90 -10.61 -1.82 15.35
N GLY B 91 -9.79 -0.91 15.86
CA GLY B 91 -9.67 -0.72 17.30
C GLY B 91 -8.44 -1.21 18.02
N ILE B 92 -7.37 -1.51 17.27
CA ILE B 92 -6.11 -1.90 17.90
C ILE B 92 -5.06 -0.79 17.81
N VAL B 93 -4.60 -0.34 18.97
CA VAL B 93 -3.53 0.63 19.03
C VAL B 93 -2.24 -0.12 19.28
N SER B 94 -1.22 0.19 18.48
CA SER B 94 0.04 -0.52 18.60
C SER B 94 1.20 0.44 18.81
N GLY B 95 2.01 0.15 19.81
CA GLY B 95 3.23 0.89 20.03
C GLY B 95 4.43 0.15 19.47
N TYR B 96 5.23 0.86 18.67
CA TYR B 96 6.45 0.32 18.07
C TYR B 96 7.67 1.05 18.63
N MET B 97 8.61 0.30 19.19
CA MET B 97 9.90 0.86 19.63
C MET B 97 11.02 -0.03 19.10
N GLY B 98 12.15 0.57 18.74
CA GLY B 98 13.25 -0.18 18.16
C GLY B 98 12.87 -0.77 16.81
N SER B 100 10.82 -2.95 16.51
CA SER B 100 9.81 -4.01 16.56
C SER B 100 8.52 -3.53 17.24
N ILE B 101 7.50 -4.40 17.28
CA ILE B 101 6.27 -4.08 18.01
C ILE B 101 6.52 -4.23 19.53
N ALA B 102 5.96 -3.31 20.31
CA ALA B 102 6.34 -3.21 21.73
C ALA B 102 5.18 -3.39 22.70
N TRP B 103 4.00 -2.90 22.30
CA TRP B 103 2.77 -3.10 23.08
C TRP B 103 1.51 -2.98 22.22
N GLN B 104 0.42 -3.57 22.69
CA GLN B 104 -0.87 -3.44 22.00
C GLN B 104 -2.01 -3.20 22.96
N TYR B 105 -3.01 -2.44 22.51
CA TYR B 105 -4.20 -2.20 23.28
C TYR B 105 -5.42 -2.31 22.38
N ASN B 106 -6.37 -3.14 22.79
CA ASN B 106 -7.59 -3.35 22.02
C ASN B 106 -8.70 -2.45 22.57
N ALA B 107 -9.18 -1.51 21.76
CA ALA B 107 -10.26 -0.62 22.19
C ALA B 107 -11.62 -1.30 22.08
N GLU B 108 -11.65 -2.46 21.42
CA GLU B 108 -12.89 -3.17 21.12
C GLU B 108 -14.00 -2.28 20.55
N ASP B 109 -13.63 -1.43 19.59
CA ASP B 109 -14.57 -0.56 18.90
C ASP B 109 -13.83 0.15 17.79
N VAL B 110 -14.54 0.56 16.75
CA VAL B 110 -13.91 1.35 15.70
C VAL B 110 -13.30 2.62 16.28
N ILE B 111 -12.07 2.94 15.88
CA ILE B 111 -11.38 4.13 16.35
C ILE B 111 -11.51 5.22 15.31
N THR B 112 -11.96 6.40 15.74
CA THR B 112 -12.21 7.49 14.81
C THR B 112 -11.30 8.69 15.03
N GLY B 113 -10.73 8.78 16.23
CA GLY B 113 -9.90 9.91 16.59
C GLY B 113 -8.45 9.49 16.69
N GLY B 114 -7.63 9.97 15.74
CA GLY B 114 -6.30 9.47 15.42
C GLY B 114 -5.41 9.48 16.61
N VAL B 115 -4.17 8.98 16.50
CA VAL B 115 -3.41 8.92 17.76
C VAL B 115 -2.82 10.25 18.19
N GLY B 116 -3.41 10.85 19.21
CA GLY B 116 -2.87 12.04 19.84
C GLY B 116 -1.83 11.68 20.90
N ILE B 117 -0.81 12.51 21.04
CA ILE B 117 0.32 12.24 21.90
C ILE B 117 0.81 13.57 22.45
N ASP B 118 1.29 13.57 23.70
CA ASP B 118 1.90 14.78 24.26
C ASP B 118 3.32 14.92 23.75
N ASP B 119 3.90 16.09 23.96
CA ASP B 119 5.20 16.38 23.41
C ASP B 119 6.31 15.50 23.97
N GLN B 120 6.17 15.10 25.24
CA GLN B 120 7.21 14.27 25.85
C GLN B 120 6.99 12.77 25.57
N GLY B 121 5.90 12.48 24.86
CA GLY B 121 5.57 11.12 24.52
C GLY B 121 5.39 10.21 25.71
N SER B 122 4.42 10.51 26.57
CA SER B 122 4.20 9.73 27.78
C SER B 122 2.76 9.25 27.83
N VAL B 123 1.88 9.96 27.15
CA VAL B 123 0.48 9.54 27.09
C VAL B 123 -0.10 9.70 25.69
N ALA B 124 -0.66 8.61 25.16
CA ALA B 124 -1.30 8.64 23.85
C ALA B 124 -2.82 8.53 24.00
N VAL B 125 -3.56 9.20 23.13
CA VAL B 125 -5.01 9.27 23.26
C VAL B 125 -5.72 8.85 21.98
N ILE B 126 -6.80 8.08 22.12
CA ILE B 126 -7.65 7.71 21.00
C ILE B 126 -9.13 7.91 21.37
N GLY B 127 -9.94 8.25 20.38
CA GLY B 127 -11.38 8.35 20.55
C GLY B 127 -12.14 7.33 19.71
N THR B 128 -13.17 6.72 20.28
CA THR B 128 -13.90 5.67 19.56
C THR B 128 -15.18 6.16 18.88
N ARG B 129 -15.76 5.30 18.04
CA ARG B 129 -16.98 5.64 17.31
C ARG B 129 -18.17 5.83 18.25
N SER B 130 -18.24 5.00 19.29
CA SER B 130 -19.27 5.13 20.31
C SER B 130 -19.16 6.43 21.11
N GLY B 131 -17.98 7.06 21.07
CA GLY B 131 -17.78 8.30 21.79
C GLY B 131 -16.83 8.20 22.97
N LYS B 132 -16.20 7.04 23.15
CA LYS B 132 -15.23 6.89 24.23
C LYS B 132 -13.94 7.63 23.92
N LEU B 133 -13.31 8.12 24.97
CA LEU B 133 -12.02 8.76 24.87
C LEU B 133 -11.09 8.05 25.87
N ILE B 134 -9.98 7.52 25.35
CA ILE B 134 -9.09 6.67 26.12
C ILE B 134 -7.66 7.20 26.13
N ALA B 135 -7.10 7.35 27.32
CA ALA B 135 -5.71 7.73 27.49
C ALA B 135 -4.87 6.50 27.81
N LEU B 136 -3.73 6.37 27.14
CA LEU B 136 -2.85 5.22 27.34
C LEU B 136 -1.45 5.70 27.66
N ASP B 137 -0.77 4.96 28.54
CA ASP B 137 0.66 5.17 28.77
C ASP B 137 1.39 4.88 27.45
N ALA B 138 2.15 5.87 26.96
CA ALA B 138 2.78 5.78 25.65
C ALA B 138 3.84 4.69 25.56
N ARG B 139 4.39 4.31 26.71
CA ARG B 139 5.51 3.38 26.73
C ARG B 139 5.07 1.93 27.02
N THR B 140 3.93 1.74 27.69
CA THR B 140 3.48 0.39 28.04
C THR B 140 2.15 -0.03 27.40
N GLY B 141 1.34 0.95 27.03
CA GLY B 141 0.02 0.66 26.50
C GLY B 141 -1.03 0.49 27.59
N ALA B 142 -0.64 0.65 28.84
CA ALA B 142 -1.60 0.51 29.94
C ALA B 142 -2.60 1.66 29.86
N ALA B 143 -3.87 1.37 30.11
CA ALA B 143 -4.88 2.39 30.08
C ALA B 143 -4.80 3.23 31.35
N ARG B 144 -4.77 4.56 31.19
CA ARG B 144 -4.74 5.43 32.34
C ARG B 144 -6.18 5.81 32.72
N TRP B 145 -7.01 6.15 31.74
CA TRP B 145 -8.41 6.43 31.99
C TRP B 145 -9.31 6.26 30.77
N VAL B 146 -10.59 6.04 31.02
CA VAL B 146 -11.57 5.93 29.95
C VAL B 146 -12.79 6.77 30.27
N VAL B 147 -13.13 7.70 29.38
CA VAL B 147 -14.31 8.53 29.58
C VAL B 147 -15.27 8.44 28.40
N GLU B 148 -16.55 8.60 28.67
CA GLU B 148 -17.56 8.57 27.63
C GLU B 148 -18.01 9.99 27.30
N LEU B 149 -17.59 10.48 26.14
CA LEU B 149 -18.00 11.80 25.68
C LEU B 149 -19.46 11.83 25.17
N ALA B 150 -20.02 13.04 25.10
CA ALA B 150 -21.36 13.23 24.57
C ALA B 150 -21.40 13.05 23.05
N SER B 151 -20.22 13.22 22.42
CA SER B 151 -20.12 13.26 20.96
C SER B 151 -18.79 12.65 20.50
N SER B 152 -18.82 11.84 19.45
CA SER B 152 -17.60 11.23 18.90
C SER B 152 -16.61 12.24 18.38
N SER B 153 -15.33 11.90 18.43
CA SER B 153 -14.26 12.74 17.89
C SER B 153 -13.73 12.14 16.60
N LEU B 154 -13.57 12.95 15.57
CA LEU B 154 -13.05 12.46 14.28
C LEU B 154 -11.68 13.05 13.97
N ALA B 155 -10.99 13.51 15.01
CA ALA B 155 -9.64 14.03 14.87
C ALA B 155 -8.86 13.68 16.14
N PRO B 156 -7.52 13.62 16.02
CA PRO B 156 -6.73 13.29 17.21
C PRO B 156 -6.85 14.40 18.26
N ALA B 157 -6.81 14.00 19.53
CA ALA B 157 -6.76 14.97 20.63
C ALA B 157 -5.48 15.79 20.62
N LEU B 158 -5.57 17.01 21.12
CA LEU B 158 -4.38 17.80 21.41
C LEU B 158 -4.06 17.59 22.88
N ILE B 159 -2.80 17.30 23.19
CA ILE B 159 -2.37 17.26 24.57
C ILE B 159 -1.39 18.42 24.85
N SER B 160 -1.87 19.40 25.59
CA SER B 160 -1.07 20.58 25.92
C SER B 160 -1.03 20.79 27.41
N GLY B 161 0.18 20.95 27.95
CA GLY B 161 0.36 21.12 29.39
C GLY B 161 -0.27 19.99 30.15
N ASP B 162 -1.32 20.29 30.91
CA ASP B 162 -2.04 19.25 31.64
C ASP B 162 -3.46 19.04 31.09
N LYS B 163 -3.66 19.44 29.83
CA LYS B 163 -4.97 19.28 29.21
C LYS B 163 -4.94 18.37 27.97
N VAL B 164 -5.97 17.54 27.87
CA VAL B 164 -6.26 16.81 26.65
C VAL B 164 -7.45 17.52 26.01
N ILE B 165 -7.23 18.07 24.82
CA ILE B 165 -8.25 18.91 24.19
C ILE B 165 -8.81 18.25 22.95
N VAL B 166 -10.13 18.07 22.92
CA VAL B 166 -10.78 17.27 21.89
C VAL B 166 -11.82 18.06 21.11
N ILE B 167 -11.85 17.91 19.79
CA ILE B 167 -12.98 18.38 18.98
C ILE B 167 -13.94 17.21 18.73
N THR B 168 -15.23 17.51 18.60
CA THR B 168 -16.24 16.46 18.43
C THR B 168 -17.29 16.83 17.39
N ASN B 169 -18.09 15.83 17.01
CA ASN B 169 -19.14 16.00 16.00
C ASN B 169 -20.10 17.18 16.22
N SER B 170 -20.47 17.43 17.46
CA SER B 170 -21.42 18.49 17.80
C SER B 170 -20.84 19.90 17.68
N GLY B 171 -19.57 19.99 17.32
CA GLY B 171 -18.88 21.27 17.30
C GLY B 171 -18.46 21.75 18.68
N THR B 172 -18.62 20.89 19.69
CA THR B 172 -18.24 21.22 21.06
C THR B 172 -16.81 20.77 21.38
N ILE B 173 -15.97 21.72 21.77
CA ILE B 173 -14.59 21.46 22.15
C ILE B 173 -14.51 21.17 23.65
N PHE B 174 -13.75 20.16 24.03
CA PHE B 174 -13.59 19.79 25.44
C PHE B 174 -12.17 19.92 25.95
N GLY B 175 -12.04 20.31 27.21
CA GLY B 175 -10.76 20.34 27.91
C GLY B 175 -10.78 19.32 29.05
N LEU B 176 -9.93 18.31 28.96
CA LEU B 176 -9.97 17.19 29.89
C LEU B 176 -8.67 17.11 30.65
N ASP B 177 -8.75 16.66 31.89
CA ASP B 177 -7.59 16.57 32.75
C ASP B 177 -6.73 15.37 32.36
N ILE B 178 -5.44 15.64 32.10
CA ILE B 178 -4.53 14.64 31.55
C ILE B 178 -4.27 13.46 32.51
N ASN B 179 -4.66 13.62 33.77
CA ASN B 179 -4.45 12.54 34.72
C ASN B 179 -5.68 11.70 35.00
N SER B 180 -6.86 12.32 34.96
CA SER B 180 -8.07 11.63 35.37
C SER B 180 -9.12 11.47 34.26
N GLY B 181 -9.09 12.37 33.27
CA GLY B 181 -10.07 12.34 32.19
C GLY B 181 -11.27 13.20 32.52
N ALA B 182 -11.22 13.85 33.68
CA ALA B 182 -12.30 14.73 34.11
C ALA B 182 -12.47 15.90 33.14
N THR B 183 -13.72 16.22 32.81
CA THR B 183 -13.99 17.40 32.00
C THR B 183 -13.78 18.67 32.82
N VAL B 184 -12.93 19.55 32.31
CA VAL B 184 -12.65 20.80 33.00
C VAL B 184 -13.42 21.95 32.34
N TRP B 185 -13.44 21.97 31.01
CA TRP B 185 -14.16 23.03 30.31
C TRP B 185 -14.75 22.67 28.94
N GLN B 186 -15.72 23.46 28.50
CA GLN B 186 -16.37 23.27 27.20
C GLN B 186 -16.52 24.57 26.41
N TYR B 187 -16.41 24.47 25.10
CA TYR B 187 -16.65 25.60 24.21
C TYR B 187 -17.45 25.04 23.05
N ALA B 188 -18.47 25.77 22.61
CA ALA B 188 -19.32 25.28 21.53
C ALA B 188 -19.26 26.18 20.31
N THR B 189 -19.03 25.57 19.15
CA THR B 189 -19.09 26.29 17.87
C THR B 189 -20.44 26.06 17.20
N VAL B 196 -19.15 19.69 6.07
CA VAL B 196 -18.28 18.66 5.54
C VAL B 196 -17.89 17.66 6.64
N ARG B 197 -18.01 16.36 6.36
CA ARG B 197 -17.70 15.37 7.39
C ARG B 197 -16.21 15.35 7.72
N GLY B 198 -15.89 15.23 9.02
CA GLY B 198 -14.52 15.33 9.47
C GLY B 198 -14.23 16.67 10.12
N MET B 199 -13.08 16.78 10.77
CA MET B 199 -12.80 17.97 11.56
C MET B 199 -11.31 18.23 11.74
N ALA B 200 -10.96 19.48 12.05
CA ALA B 200 -9.56 19.84 12.24
C ALA B 200 -9.07 19.39 13.61
N LYS B 201 -7.79 19.02 13.66
CA LYS B 201 -7.17 18.72 14.94
C LYS B 201 -6.78 20.03 15.59
N PRO B 202 -7.12 20.17 16.88
CA PRO B 202 -6.75 21.35 17.69
C PRO B 202 -5.24 21.63 17.65
N LEU B 203 -4.89 22.90 17.49
CA LEU B 203 -3.50 23.31 17.33
C LEU B 203 -3.05 24.26 18.46
N ALA B 204 -1.96 23.91 19.15
CA ALA B 204 -1.45 24.72 20.23
C ALA B 204 -0.61 25.90 19.72
N LEU B 205 -0.88 27.11 20.22
CA LEU B 205 -0.11 28.30 19.86
C LEU B 205 0.95 28.62 20.92
N ASP B 206 0.59 28.41 22.19
CA ASP B 206 1.54 28.56 23.28
C ASP B 206 1.12 27.54 24.32
N ALA B 207 1.74 27.59 25.50
CA ALA B 207 1.36 26.71 26.59
C ALA B 207 -0.03 27.09 27.11
N ARG B 208 -0.47 28.29 26.74
CA ARG B 208 -1.72 28.86 27.23
C ARG B 208 -2.82 28.95 26.19
N THR B 209 -2.48 28.78 24.92
CA THR B 209 -3.43 29.06 23.84
C THR B 209 -3.61 27.89 22.86
N VAL B 210 -4.86 27.44 22.69
CA VAL B 210 -5.18 26.41 21.69
C VAL B 210 -5.97 27.04 20.54
N LEU B 211 -5.76 26.53 19.33
CA LEU B 211 -6.49 27.05 18.18
C LEU B 211 -7.40 26.01 17.50
N ILE B 212 -8.65 26.39 17.29
CA ILE B 212 -9.68 25.49 16.79
C ILE B 212 -10.24 25.95 15.44
N GLY B 213 -10.20 25.06 14.45
CA GLY B 213 -10.89 25.27 13.19
C GLY B 213 -12.28 24.65 13.33
N GLY B 214 -13.31 25.46 13.13
CA GLY B 214 -14.67 25.00 13.30
C GLY B 214 -15.38 24.78 11.96
N ALA B 215 -16.52 24.10 12.02
CA ALA B 215 -17.35 23.86 10.83
C ALA B 215 -17.98 25.17 10.34
N ASP B 216 -17.98 26.17 11.21
CA ASP B 216 -18.55 27.49 10.94
C ASP B 216 -17.68 28.35 10.02
N GLY B 217 -16.45 27.91 9.79
CA GLY B 217 -15.55 28.64 8.93
C GLY B 217 -14.68 29.62 9.69
N ARG B 218 -14.79 29.57 11.02
CA ARG B 218 -14.01 30.43 11.90
C ARG B 218 -12.93 29.65 12.62
N ILE B 219 -11.81 30.32 12.88
CA ILE B 219 -10.82 29.78 13.79
C ILE B 219 -11.05 30.40 15.15
N HIS B 220 -10.95 29.57 16.19
CA HIS B 220 -11.18 30.01 17.56
C HIS B 220 -9.92 29.79 18.37
N ALA B 221 -9.44 30.86 18.98
CA ALA B 221 -8.30 30.78 19.89
C ALA B 221 -8.83 30.70 21.32
N LEU B 222 -8.57 29.58 21.98
CA LEU B 222 -9.06 29.40 23.33
C LEU B 222 -7.92 29.36 24.32
N ASP B 223 -8.20 29.81 25.53
CA ASP B 223 -7.25 29.65 26.60
C ASP B 223 -7.33 28.19 27.02
N THR B 224 -6.15 27.58 27.19
CA THR B 224 -6.04 26.15 27.48
C THR B 224 -6.61 25.76 28.84
N MET B 225 -6.34 26.58 29.86
CA MET B 225 -6.76 26.26 31.22
C MET B 225 -8.27 26.47 31.47
N THR B 226 -8.83 27.51 30.89
CA THR B 226 -10.22 27.87 31.14
C THR B 226 -11.16 27.50 30.01
N GLY B 227 -10.62 27.46 28.78
CA GLY B 227 -11.45 27.27 27.60
C GLY B 227 -12.30 28.48 27.28
N ALA B 228 -11.73 29.66 27.45
CA ALA B 228 -12.45 30.90 27.18
C ALA B 228 -11.95 31.52 25.88
N PRO B 229 -12.89 31.94 25.00
CA PRO B 229 -12.48 32.52 23.73
C PRO B 229 -11.57 33.72 23.95
N VAL B 230 -10.31 33.61 23.52
CA VAL B 230 -9.37 34.71 23.54
C VAL B 230 -9.60 35.58 22.31
N TRP B 231 -9.56 34.98 21.12
CA TRP B 231 -9.88 35.70 19.90
C TRP B 231 -10.40 34.82 18.76
N THR B 232 -11.05 35.47 17.80
CA THR B 232 -11.75 34.77 16.74
C THR B 232 -11.58 35.50 15.40
N ARG B 233 -11.27 34.73 14.35
CA ARG B 233 -11.21 35.24 12.99
C ARG B 233 -12.13 34.42 12.10
N ARG B 234 -12.67 35.06 11.07
CA ARG B 234 -13.44 34.35 10.04
C ARG B 234 -12.53 34.07 8.85
N VAL B 235 -12.65 32.86 8.30
CA VAL B 235 -11.84 32.48 7.14
C VAL B 235 -12.75 32.07 5.98
N GLY B 236 -13.64 31.12 6.25
CA GLY B 236 -14.60 30.67 5.25
C GLY B 236 -15.86 31.51 5.20
N LEU B 237 -16.26 31.88 3.99
CA LEU B 237 -17.44 32.71 3.77
C LEU B 237 -18.28 32.17 2.61
N LEU B 247 -21.59 25.09 3.31
CA LEU B 247 -20.34 24.40 3.53
C LEU B 247 -19.18 25.38 3.53
N ARG B 248 -18.58 25.57 4.70
CA ARG B 248 -17.47 26.51 4.83
C ARG B 248 -16.45 26.10 5.90
N ASP B 249 -16.44 24.81 6.26
CA ASP B 249 -15.56 24.27 7.31
C ASP B 249 -14.08 24.62 7.21
N ILE B 250 -13.46 24.83 8.35
CA ILE B 250 -12.01 24.76 8.44
C ILE B 250 -11.68 23.36 8.95
N ASP B 251 -11.52 22.42 8.02
CA ASP B 251 -11.30 21.03 8.39
C ASP B 251 -9.84 20.60 8.30
N GLY B 252 -9.02 21.43 7.68
CA GLY B 252 -7.58 21.21 7.67
C GLY B 252 -6.99 21.97 8.85
N THR B 253 -6.30 21.25 9.73
CA THR B 253 -5.67 21.86 10.88
C THR B 253 -4.76 23.01 10.44
N PRO B 254 -5.06 24.21 10.91
CA PRO B 254 -4.30 25.44 10.62
C PRO B 254 -2.80 25.24 10.75
N THR B 255 -2.03 26.08 10.05
CA THR B 255 -0.59 25.95 10.03
C THR B 255 0.07 27.22 10.57
N VAL B 256 1.07 27.05 11.42
CA VAL B 256 1.79 28.17 11.99
C VAL B 256 3.26 28.08 11.60
N VAL B 257 3.77 29.18 11.05
CA VAL B 257 5.22 29.35 10.91
C VAL B 257 5.56 30.67 11.60
N ASP B 258 6.28 30.57 12.72
CA ASP B 258 6.61 31.73 13.55
C ASP B 258 5.36 32.43 14.07
N HIS B 259 5.21 33.71 13.75
CA HIS B 259 4.03 34.43 14.21
C HIS B 259 2.97 34.51 13.11
N TYR B 260 3.21 33.75 12.04
CA TYR B 260 2.28 33.71 10.90
C TYR B 260 1.36 32.49 10.91
N LEU B 261 0.07 32.74 10.70
CA LEU B 261 -0.94 31.68 10.73
C LEU B 261 -1.62 31.55 9.36
N TYR B 262 -1.82 30.32 8.91
CA TYR B 262 -2.50 30.09 7.64
C TYR B 262 -3.63 29.08 7.79
N ALA B 263 -4.76 29.36 7.16
CA ALA B 263 -5.90 28.46 7.19
C ALA B 263 -6.68 28.54 5.89
N ALA B 264 -7.29 27.43 5.50
CA ALA B 264 -8.10 27.37 4.31
C ALA B 264 -9.45 26.78 4.68
N SER B 265 -10.44 27.02 3.83
CA SER B 265 -11.77 26.53 4.10
C SER B 265 -12.27 25.78 2.88
N TYR B 266 -13.31 24.99 3.07
CA TYR B 266 -13.94 24.29 1.97
C TYR B 266 -14.50 25.25 0.92
N SER B 267 -15.04 26.39 1.38
CA SER B 267 -15.72 27.35 0.52
C SER B 267 -14.79 28.04 -0.48
N GLY B 268 -13.48 27.91 -0.29
CA GLY B 268 -12.54 28.39 -1.29
C GLY B 268 -11.64 29.52 -0.84
N GLN B 269 -11.58 29.77 0.47
CA GLN B 269 -10.78 30.87 1.02
C GLN B 269 -9.53 30.37 1.73
N LEU B 270 -8.38 30.86 1.29
CA LEU B 270 -7.12 30.64 2.01
C LEU B 270 -6.63 31.95 2.61
N ALA B 271 -6.59 32.02 3.94
CA ALA B 271 -6.25 33.26 4.62
C ALA B 271 -4.93 33.13 5.36
N GLY B 272 -4.12 34.19 5.29
CA GLY B 272 -2.92 34.30 6.10
C GLY B 272 -3.06 35.40 7.15
N PHE B 273 -2.41 35.21 8.30
CA PHE B 273 -2.50 36.19 9.39
C PHE B 273 -1.15 36.46 10.02
N ASP B 274 -0.90 37.72 10.38
CA ASP B 274 0.17 38.05 11.32
C ASP B 274 -0.42 38.11 12.73
N MET B 275 -0.28 37.01 13.48
CA MET B 275 -0.82 36.91 14.83
C MET B 275 -0.19 37.92 15.77
N THR B 276 1.02 38.35 15.42
CA THR B 276 1.72 39.36 16.22
C THR B 276 0.97 40.70 16.13
N THR B 277 0.47 41.05 14.94
CA THR B 277 -0.28 42.31 14.80
C THR B 277 -1.81 42.13 14.73
N GLY B 278 -2.26 40.89 14.53
CA GLY B 278 -3.68 40.59 14.48
C GLY B 278 -4.35 40.83 13.14
N ARG B 279 -3.56 41.25 12.16
CA ARG B 279 -4.11 41.62 10.85
C ARG B 279 -4.07 40.45 9.86
N THR B 280 -5.11 40.36 9.03
CA THR B 280 -5.17 39.36 7.97
C THR B 280 -4.35 39.82 6.75
N MET B 281 -3.36 39.02 6.38
CA MET B 281 -2.44 39.40 5.31
C MET B 281 -3.03 39.30 3.90
N PHE B 282 -3.80 38.25 3.64
CA PHE B 282 -4.40 38.04 2.31
C PHE B 282 -5.50 37.02 2.36
N VAL B 283 -6.39 37.07 1.38
CA VAL B 283 -7.31 35.97 1.15
C VAL B 283 -7.25 35.58 -0.33
N SER B 284 -6.70 34.40 -0.59
CA SER B 284 -6.48 33.93 -1.94
C SER B 284 -7.44 32.78 -2.23
N GLU B 285 -7.58 32.42 -3.50
CA GLU B 285 -8.54 31.39 -3.90
C GLU B 285 -7.99 29.98 -3.69
N LEU B 286 -8.63 29.23 -2.79
CA LEU B 286 -8.26 27.84 -2.54
C LEU B 286 -9.26 27.07 -1.67
N SER B 287 -9.89 26.06 -2.26
CA SER B 287 -10.79 25.17 -1.54
C SER B 287 -10.05 23.91 -1.07
N SER B 288 -9.94 23.73 0.24
CA SER B 288 -9.18 22.61 0.79
C SER B 288 -9.82 22.01 2.04
N THR B 289 -9.68 20.70 2.20
CA THR B 289 -10.15 19.98 3.40
C THR B 289 -8.91 19.53 4.18
N LYS B 290 -7.74 19.81 3.62
CA LYS B 290 -6.51 19.20 4.12
C LYS B 290 -5.54 20.22 4.70
N LYS B 291 -4.76 19.79 5.70
CA LYS B 291 -3.74 20.65 6.29
C LYS B 291 -2.82 21.21 5.22
N LEU B 292 -2.48 22.49 5.36
CA LEU B 292 -1.57 23.14 4.43
C LEU B 292 -0.14 22.83 4.86
N THR B 293 0.82 23.14 4.00
CA THR B 293 2.21 23.01 4.38
C THR B 293 2.94 24.25 3.86
N THR B 294 4.16 24.48 4.35
CA THR B 294 4.89 25.66 3.91
C THR B 294 6.26 25.30 3.37
N LEU B 295 6.73 26.07 2.39
CA LEU B 295 8.07 25.85 1.88
C LEU B 295 8.73 27.18 1.55
N ALA B 296 9.76 27.52 2.31
CA ALA B 296 10.40 28.83 2.23
C ALA B 296 9.33 29.90 2.41
N ASP B 297 9.07 30.68 1.35
CA ASP B 297 8.07 31.73 1.46
C ASP B 297 6.73 31.38 0.81
N ALA B 298 6.53 30.07 0.57
CA ALA B 298 5.29 29.58 -0.03
C ALA B 298 4.45 28.76 0.95
N VAL B 299 3.17 29.08 1.01
CA VAL B 299 2.17 28.21 1.63
C VAL B 299 1.54 27.37 0.51
N ILE B 300 1.32 26.08 0.75
CA ILE B 300 0.90 25.16 -0.30
C ILE B 300 -0.26 24.29 0.15
N GLY B 301 -1.23 24.10 -0.73
CA GLY B 301 -2.45 23.39 -0.37
C GLY B 301 -2.88 22.37 -1.42
N SER B 302 -3.69 21.42 -1.00
CA SER B 302 -4.25 20.43 -1.90
C SER B 302 -5.73 20.75 -2.09
N SER B 303 -6.14 21.06 -3.32
CA SER B 303 -7.48 21.55 -3.52
C SER B 303 -8.46 20.41 -3.43
N THR B 304 -9.74 20.73 -3.24
CA THR B 304 -10.77 19.70 -3.17
C THR B 304 -10.95 19.03 -4.53
N ASP B 305 -10.37 19.65 -5.55
CA ASP B 305 -10.48 19.19 -6.94
C ASP B 305 -9.31 18.33 -7.40
N GLY B 306 -8.24 18.31 -6.61
CA GLY B 306 -7.02 17.61 -7.00
C GLY B 306 -5.95 18.53 -7.54
N ASP B 307 -6.12 19.83 -7.33
CA ASP B 307 -5.07 20.77 -7.68
C ASP B 307 -4.09 20.90 -6.51
N VAL B 308 -2.82 20.98 -6.83
CA VAL B 308 -1.83 21.35 -5.82
C VAL B 308 -1.45 22.79 -6.10
N VAL B 309 -1.70 23.69 -5.16
CA VAL B 309 -1.52 25.13 -5.40
C VAL B 309 -0.57 25.83 -4.42
N ALA B 310 0.33 26.64 -4.97
CA ALA B 310 1.30 27.38 -4.14
C ALA B 310 1.08 28.90 -4.15
N PHE B 311 1.23 29.50 -2.99
CA PHE B 311 1.00 30.91 -2.80
C PHE B 311 2.16 31.50 -2.05
N ASN B 312 2.37 32.80 -2.20
CA ASN B 312 3.35 33.51 -1.40
C ASN B 312 2.81 33.65 0.02
N ARG B 313 3.55 33.11 1.00
CA ARG B 313 3.17 33.16 2.42
C ARG B 313 2.85 34.56 2.91
N MET B 314 3.54 35.56 2.34
CA MET B 314 3.41 36.94 2.83
C MET B 314 2.28 37.70 2.16
N THR B 315 2.22 37.61 0.84
CA THR B 315 1.41 38.51 0.05
C THR B 315 0.20 37.82 -0.61
N GLY B 316 0.25 36.49 -0.69
CA GLY B 316 -0.87 35.73 -1.20
C GLY B 316 -0.87 35.48 -2.70
N GLU B 317 0.09 36.03 -3.41
CA GLU B 317 0.12 35.86 -4.85
C GLU B 317 0.38 34.39 -5.19
N LYS B 318 -0.39 33.86 -6.15
CA LYS B 318 -0.18 32.49 -6.63
C LYS B 318 1.16 32.33 -7.33
N LEU B 319 1.99 31.42 -6.82
CA LEU B 319 3.30 31.15 -7.40
C LEU B 319 3.21 30.13 -8.54
N TRP B 320 2.44 29.06 -8.30
CA TRP B 320 2.20 28.02 -9.28
C TRP B 320 1.00 27.16 -8.91
N GLU B 321 0.42 26.53 -9.93
CA GLU B 321 -0.66 25.56 -9.74
C GLU B 321 -0.37 24.37 -10.66
N ASN B 322 -0.52 23.17 -10.11
CA ASN B 322 -0.27 21.95 -10.85
C ASN B 322 -1.58 21.16 -10.96
N HIS B 323 -1.97 20.83 -12.19
CA HIS B 323 -3.27 20.25 -12.48
C HIS B 323 -3.20 18.76 -12.81
N ASP B 324 -1.99 18.23 -12.89
CA ASP B 324 -1.76 16.83 -13.28
C ASP B 324 -2.55 15.78 -12.48
N LEU B 325 -3.00 16.13 -11.28
CA LEU B 325 -3.61 15.14 -10.41
C LEU B 325 -5.08 15.38 -10.17
N LYS B 326 -5.69 16.20 -11.03
CA LYS B 326 -7.10 16.57 -10.91
C LYS B 326 -7.99 15.33 -10.70
N TYR B 327 -8.88 15.41 -9.71
CA TYR B 327 -9.86 14.36 -9.38
C TYR B 327 -9.34 13.04 -8.77
N ARG B 328 -8.04 12.92 -8.53
CA ARG B 328 -7.48 11.68 -7.98
C ARG B 328 -7.58 11.51 -6.45
N GLY B 329 -8.19 12.47 -5.75
CA GLY B 329 -8.37 12.39 -4.31
C GLY B 329 -7.08 12.57 -3.51
N LEU B 330 -6.66 13.82 -3.35
CA LEU B 330 -5.37 14.10 -2.74
C LEU B 330 -5.38 14.02 -1.22
N THR B 331 -4.24 13.65 -0.65
CA THR B 331 -4.01 13.81 0.78
C THR B 331 -3.57 15.25 0.98
N ASN B 332 -3.27 15.61 2.22
CA ASN B 332 -2.62 16.88 2.48
C ASN B 332 -1.22 16.84 1.89
N PRO B 333 -0.74 17.98 1.38
CA PRO B 333 0.66 18.04 0.93
C PRO B 333 1.56 18.30 2.13
N VAL B 334 2.79 17.78 2.08
CA VAL B 334 3.75 17.98 3.14
C VAL B 334 5.11 18.36 2.57
N THR B 335 5.94 18.98 3.40
CA THR B 335 7.27 19.41 2.97
C THR B 335 8.29 18.43 3.50
N ILE B 336 9.14 17.92 2.61
CA ILE B 336 10.27 17.11 3.04
C ILE B 336 11.48 17.67 2.36
N GLY B 337 12.42 18.19 3.15
CA GLY B 337 13.54 18.91 2.58
C GLY B 337 13.07 20.10 1.79
N THR B 338 13.56 20.22 0.57
CA THR B 338 13.20 21.34 -0.28
C THR B 338 12.23 20.89 -1.37
N TYR B 339 11.37 19.94 -1.00
CA TYR B 339 10.45 19.29 -1.94
C TYR B 339 9.06 19.16 -1.32
N ILE B 340 8.06 18.90 -2.15
CA ILE B 340 6.70 18.63 -1.69
C ILE B 340 6.22 17.23 -2.08
N ALA B 341 5.57 16.53 -1.15
CA ALA B 341 5.01 15.21 -1.38
C ALA B 341 3.50 15.19 -1.17
N VAL B 342 2.77 14.54 -2.08
CA VAL B 342 1.30 14.46 -1.97
C VAL B 342 0.82 13.07 -2.33
N GLY B 343 -0.13 12.54 -1.55
CA GLY B 343 -0.69 11.23 -1.82
C GLY B 343 -1.99 11.35 -2.59
N ASP B 344 -2.40 10.25 -3.23
CA ASP B 344 -3.74 10.21 -3.82
C ASP B 344 -4.51 8.95 -3.41
N ALA B 345 -5.74 8.82 -3.89
CA ALA B 345 -6.61 7.72 -3.47
C ALA B 345 -6.17 6.41 -4.12
N ASP B 346 -5.43 6.52 -5.21
CA ASP B 346 -4.81 5.37 -5.88
C ASP B 346 -3.55 4.85 -5.20
N GLY B 347 -3.09 5.56 -4.18
CA GLY B 347 -1.93 5.11 -3.43
C GLY B 347 -0.62 5.68 -3.89
N VAL B 348 -0.66 6.56 -4.88
CA VAL B 348 0.57 7.14 -5.40
C VAL B 348 1.00 8.38 -4.63
N VAL B 349 2.28 8.45 -4.30
CA VAL B 349 2.87 9.62 -3.70
C VAL B 349 3.67 10.37 -4.75
N HIS B 350 3.28 11.61 -5.02
CA HIS B 350 3.95 12.37 -6.06
C HIS B 350 4.88 13.38 -5.41
N ILE B 351 6.10 13.48 -5.94
CA ILE B 351 7.10 14.44 -5.47
C ILE B 351 7.20 15.64 -6.41
N LEU B 352 7.01 16.83 -5.84
CA LEU B 352 7.07 18.08 -6.61
C LEU B 352 8.24 18.96 -6.13
N ASN B 353 8.94 19.57 -7.08
CA ASN B 353 9.96 20.56 -6.71
C ASN B 353 9.32 21.89 -6.31
N HIS B 354 10.16 22.86 -5.93
CA HIS B 354 9.65 24.14 -5.45
C HIS B 354 8.98 24.94 -6.57
N GLN B 355 9.14 24.49 -7.81
CA GLN B 355 8.51 25.14 -8.96
C GLN B 355 7.19 24.48 -9.39
N GLY B 356 6.71 23.53 -8.59
CA GLY B 356 5.42 22.88 -8.85
C GLY B 356 5.41 21.76 -9.87
N GLN B 357 6.58 21.27 -10.25
CA GLN B 357 6.69 20.20 -11.24
C GLN B 357 6.82 18.85 -10.55
N ILE B 358 6.10 17.85 -11.06
CA ILE B 358 6.22 16.50 -10.53
C ILE B 358 7.45 15.82 -11.09
N ILE B 359 8.42 15.54 -10.21
CA ILE B 359 9.71 15.00 -10.65
C ILE B 359 9.86 13.49 -10.47
N SER B 360 9.13 12.91 -9.51
CA SER B 360 9.17 11.48 -9.29
C SER B 360 7.93 11.02 -8.53
N ARG B 361 7.77 9.70 -8.42
CA ARG B 361 6.65 9.15 -7.68
C ARG B 361 6.94 7.75 -7.17
N ALA B 362 6.22 7.37 -6.14
CA ALA B 362 6.28 6.02 -5.61
C ALA B 362 4.85 5.52 -5.59
N ASN B 363 4.64 4.24 -5.87
CA ASN B 363 3.32 3.64 -5.75
C ASN B 363 3.26 2.82 -4.47
N THR B 364 2.47 3.27 -3.50
CA THR B 364 2.35 2.54 -2.24
C THR B 364 1.28 1.46 -2.30
N LYS B 365 0.41 1.51 -3.31
CA LYS B 365 -0.69 0.54 -3.45
C LYS B 365 -1.67 0.48 -2.26
N GLY B 366 -1.72 1.56 -1.47
CA GLY B 366 -2.67 1.66 -0.36
C GLY B 366 -3.49 2.93 -0.43
N ALA B 367 -4.74 2.86 0.01
CA ALA B 367 -5.60 4.03 -0.02
C ALA B 367 -5.15 5.08 1.00
N LEU B 368 -4.48 6.12 0.50
CA LEU B 368 -3.89 7.14 1.35
C LEU B 368 -4.89 8.26 1.67
N THR B 369 -4.87 8.71 2.92
CA THR B 369 -5.73 9.80 3.38
C THR B 369 -4.91 11.01 3.87
N ASN B 370 -3.85 10.74 4.62
CA ASN B 370 -2.99 11.82 5.08
C ASN B 370 -1.52 11.44 5.17
N LEU B 371 -0.67 12.43 4.96
CA LEU B 371 0.77 12.26 5.02
C LEU B 371 1.26 13.04 6.21
N THR B 372 2.32 12.57 6.84
CA THR B 372 2.88 13.25 7.99
C THR B 372 4.39 13.10 7.89
N VAL B 373 5.12 14.17 8.20
CA VAL B 373 6.58 14.12 8.11
C VAL B 373 7.19 14.22 9.49
N ILE B 374 8.07 13.26 9.79
CA ILE B 374 8.78 13.25 11.07
C ILE B 374 10.26 12.99 10.83
N ASN B 375 11.07 14.02 11.09
CA ASN B 375 12.52 13.93 10.96
C ASN B 375 12.94 13.56 9.55
N ASN B 376 12.40 14.29 8.59
CA ASN B 376 12.65 14.02 7.17
C ASN B 376 12.18 12.67 6.61
N ARG B 377 11.43 11.92 7.41
CA ARG B 377 10.86 10.69 6.90
C ARG B 377 9.37 10.90 6.66
N LEU B 378 8.91 10.38 5.52
CA LEU B 378 7.51 10.46 5.15
C LEU B 378 6.74 9.26 5.69
N TYR B 379 5.76 9.53 6.55
CA TYR B 379 4.86 8.49 7.06
C TYR B 379 3.49 8.59 6.39
N ALA B 380 3.02 7.47 5.85
CA ALA B 380 1.70 7.40 5.25
C ALA B 380 0.90 6.23 5.86
N GLN B 381 -0.26 6.52 6.44
CA GLN B 381 -1.13 5.45 6.93
C GLN B 381 -2.30 5.30 5.98
N SER B 382 -2.51 4.08 5.49
CA SER B 382 -3.58 3.83 4.55
C SER B 382 -4.92 3.67 5.27
N ALA B 383 -6.00 3.85 4.53
CA ALA B 383 -7.35 3.61 5.02
C ALA B 383 -7.53 2.18 5.53
N ASP B 384 -6.64 1.29 5.13
CA ASP B 384 -6.73 -0.11 5.48
C ASP B 384 -5.71 -0.51 6.56
N GLY B 385 -5.07 0.48 7.18
CA GLY B 385 -4.15 0.20 8.27
C GLY B 385 -2.81 -0.36 7.83
N VAL B 386 -2.31 0.10 6.69
CA VAL B 386 -0.94 -0.16 6.30
C VAL B 386 -0.14 1.12 6.51
N VAL B 387 0.97 1.00 7.23
CA VAL B 387 1.83 2.15 7.46
C VAL B 387 3.12 1.97 6.65
N THR B 388 3.40 2.91 5.76
CA THR B 388 4.64 2.88 4.99
C THR B 388 5.50 4.10 5.31
N VAL B 389 6.80 3.90 5.46
CA VAL B 389 7.71 4.98 5.75
C VAL B 389 8.68 5.11 4.59
N TRP B 390 8.94 6.35 4.19
CA TRP B 390 9.82 6.61 3.05
C TRP B 390 10.79 7.72 3.41
N GLN B 391 11.95 7.70 2.76
CA GLN B 391 12.87 8.81 2.87
C GLN B 391 13.60 8.97 1.56
N PHE B 392 14.04 10.20 1.30
CA PHE B 392 14.77 10.49 0.09
C PHE B 392 16.06 9.69 0.09
N LYS B 393 16.44 9.25 -1.10
CA LYS B 393 17.71 8.56 -1.28
C LYS B 393 18.90 9.44 -0.88
N HIS B 394 18.71 10.77 -0.86
CA HIS B 394 19.77 11.71 -0.47
C HIS B 394 19.67 12.15 1.00
N HIS B 395 18.78 11.51 1.76
CA HIS B 395 18.70 11.70 3.21
C HIS B 395 19.13 10.41 3.91
N HIS B 396 19.87 10.55 5.01
CA HIS B 396 20.34 9.37 5.75
C HIS B 396 20.24 9.54 7.27
N HIS B 397 20.25 8.39 7.96
CA HIS B 397 19.99 8.35 9.40
C HIS B 397 20.94 7.40 10.10
N HIS B 398 21.17 7.67 11.39
CA HIS B 398 21.85 6.72 12.25
C HIS B 398 20.81 5.89 13.01
#